data_4KJD
#
_entry.id   4KJD
#
_cell.length_a   63.321
_cell.length_b   75.726
_cell.length_c   170.710
_cell.angle_alpha   90.000
_cell.angle_beta   90.000
_cell.angle_gamma   90.000
#
_symmetry.space_group_name_H-M   'P 21 21 21'
#
loop_
_entity.id
_entity.type
_entity.pdbx_description
1 polymer 'Intestinal-type alkaline phosphatase 1'
2 non-polymer 'MAGNESIUM ION'
3 non-polymer GLYCEROL
4 water water
#
_entity_poly.entity_id   1
_entity_poly.type   'polypeptide(L)'
_entity_poly.pdbx_seq_one_letter_code
;VIPVEEENPVFWNQKAKEALDVAKKLQPIQTSAKNLILFLGDGMGVPTVTATRILKGQLGGHLGPETPLAMDHFPFTALS
KTYNVDRQVPD(SEP)AGTATAYLCGVKANYKTIGVSAAARFNQCNSTFGNEVFSVMHRAKKAGKSVGVVTTTRVQHASP
AGTYAHTVNRDWYSDADMPSSALQEGCKDIATQLISNMDIDVILGGGRKFMFPKGTPDPEYPGDSDQSGVRLDSRNLVEE
WLAKYQGTRYVWNREQLMQASQDPAVTRLMGLFEPTEMKYDVNRNASADPSLAEMTEVAVRLLSRNPQGFYLFVEGGRID
QGHHAGTAYLALTEAVMFDSAIEKASQLTNEKDTLTLITADHSHVFAFGGYTLRGTSIFGLAPLNAQDGKSYTSILYGNG
PGYVLNSGNRPNVTDAESGDVNYKQQAAVPLSSETHGGEDVAIFARGPQAHLVHGVQEQNYIAHVMAFAGCLEPYTDCGL
APPADEHHHHHH
;
_entity_poly.pdbx_strand_id   A,B
#
loop_
_chem_comp.id
_chem_comp.type
_chem_comp.name
_chem_comp.formula
GOL non-polymer GLYCEROL 'C3 H8 O3'
MG non-polymer 'MAGNESIUM ION' 'Mg 2'
#
# COMPACT_ATOMS: atom_id res chain seq x y z
N VAL A 4 -8.53 22.16 -17.70
CA VAL A 4 -9.42 22.01 -18.84
C VAL A 4 -9.15 20.72 -19.66
N GLU A 5 -7.86 20.35 -19.81
CA GLU A 5 -7.44 19.10 -20.48
C GLU A 5 -8.05 17.91 -19.73
N GLU A 6 -8.10 18.00 -18.39
CA GLU A 6 -8.67 17.02 -17.47
C GLU A 6 -10.19 16.79 -17.64
N GLU A 7 -10.92 17.75 -18.26
CA GLU A 7 -12.36 17.65 -18.52
C GLU A 7 -12.67 16.75 -19.72
N ASN A 8 -11.63 16.45 -20.53
CA ASN A 8 -11.77 15.62 -21.70
C ASN A 8 -11.50 14.15 -21.35
N PRO A 9 -12.46 13.22 -21.60
CA PRO A 9 -12.20 11.79 -21.34
C PRO A 9 -10.95 11.25 -22.05
N VAL A 10 -10.58 11.83 -23.23
CA VAL A 10 -9.40 11.46 -24.03
C VAL A 10 -8.11 11.59 -23.19
N PHE A 11 -8.02 12.64 -22.35
CA PHE A 11 -6.86 12.85 -21.48
C PHE A 11 -6.67 11.68 -20.51
N TRP A 12 -7.77 11.19 -19.87
CA TRP A 12 -7.72 10.08 -18.90
C TRP A 12 -7.48 8.75 -19.57
N ASN A 13 -8.06 8.56 -20.76
CA ASN A 13 -7.89 7.35 -21.56
C ASN A 13 -6.44 7.20 -22.07
N GLN A 14 -5.80 8.33 -22.43
CA GLN A 14 -4.41 8.36 -22.89
C GLN A 14 -3.46 8.11 -21.73
N LYS A 15 -3.77 8.67 -20.56
CA LYS A 15 -2.98 8.49 -19.33
C LYS A 15 -3.00 6.99 -18.91
N ALA A 16 -4.12 6.31 -19.13
CA ALA A 16 -4.29 4.88 -18.82
C ALA A 16 -3.59 4.01 -19.86
N LYS A 17 -3.59 4.43 -21.12
CA LYS A 17 -2.92 3.71 -22.21
C LYS A 17 -1.38 3.77 -21.96
N GLU A 18 -0.88 4.92 -21.47
CA GLU A 18 0.52 5.12 -21.10
C GLU A 18 0.92 4.16 -19.96
N ALA A 19 0.06 4.05 -18.92
CA ALA A 19 0.32 3.17 -17.77
C ALA A 19 0.29 1.69 -18.19
N LEU A 20 -0.60 1.33 -19.12
CA LEU A 20 -0.72 -0.02 -19.68
C LEU A 20 0.59 -0.36 -20.44
N ASP A 21 1.16 0.62 -21.19
CA ASP A 21 2.42 0.48 -21.92
C ASP A 21 3.63 0.31 -21.00
N VAL A 22 3.68 0.99 -19.84
CA VAL A 22 4.79 0.72 -18.92
C VAL A 22 4.69 -0.69 -18.32
N ALA A 23 3.46 -1.15 -17.99
CA ALA A 23 3.22 -2.48 -17.41
C ALA A 23 3.55 -3.62 -18.38
N LYS A 24 3.22 -3.46 -19.69
CA LYS A 24 3.51 -4.45 -20.73
C LYS A 24 5.00 -4.60 -21.03
N LYS A 25 5.76 -3.49 -20.98
CA LYS A 25 7.21 -3.47 -21.22
C LYS A 25 7.99 -4.03 -20.02
N LEU A 26 7.36 -4.05 -18.85
CA LEU A 26 7.97 -4.53 -17.62
C LEU A 26 8.34 -6.01 -17.67
N GLN A 27 9.64 -6.26 -17.55
CA GLN A 27 10.18 -7.61 -17.54
C GLN A 27 11.01 -7.82 -16.28
N PRO A 28 10.93 -8.99 -15.64
CA PRO A 28 11.78 -9.24 -14.48
C PRO A 28 13.27 -9.36 -14.85
N ILE A 29 14.18 -8.85 -14.01
CA ILE A 29 15.62 -9.00 -14.22
C ILE A 29 15.99 -10.26 -13.42
N GLN A 30 16.37 -11.34 -14.14
CA GLN A 30 16.61 -12.65 -13.56
C GLN A 30 18.03 -12.95 -13.09
N THR A 31 18.85 -11.94 -12.89
CA THR A 31 20.21 -12.18 -12.40
C THR A 31 20.25 -11.88 -10.90
N SER A 32 21.43 -12.08 -10.30
CA SER A 32 21.65 -11.67 -8.92
C SER A 32 21.98 -10.15 -9.00
N ALA A 33 22.01 -9.50 -7.86
CA ALA A 33 22.38 -8.09 -7.79
C ALA A 33 23.82 -7.98 -7.27
N LYS A 34 24.61 -7.11 -7.88
CA LYS A 34 25.96 -6.81 -7.46
C LYS A 34 25.88 -5.84 -6.25
N ASN A 35 24.97 -4.83 -6.34
CA ASN A 35 24.77 -3.80 -5.31
C ASN A 35 23.41 -3.87 -4.70
N LEU A 36 23.34 -3.59 -3.40
CA LEU A 36 22.09 -3.61 -2.64
C LEU A 36 21.93 -2.28 -1.93
N ILE A 37 20.79 -1.62 -2.16
CA ILE A 37 20.50 -0.33 -1.53
C ILE A 37 19.13 -0.35 -0.85
N LEU A 38 19.10 0.00 0.43
CA LEU A 38 17.86 0.10 1.17
C LEU A 38 17.67 1.55 1.64
N PHE A 39 16.60 2.17 1.17
CA PHE A 39 16.23 3.54 1.57
C PHE A 39 15.11 3.42 2.60
N LEU A 40 15.38 3.92 3.79
CA LEU A 40 14.37 3.86 4.84
C LEU A 40 13.81 5.21 5.25
N GLY A 41 12.51 5.40 5.01
CA GLY A 41 11.79 6.60 5.41
C GLY A 41 11.15 6.38 6.77
N ASP A 42 11.66 7.04 7.81
CA ASP A 42 11.18 6.92 9.19
C ASP A 42 9.73 7.46 9.30
N GLY A 43 8.80 6.60 9.73
CA GLY A 43 7.37 6.93 9.86
C GLY A 43 6.70 7.37 8.57
N MET A 44 7.25 6.94 7.42
CA MET A 44 6.78 7.29 6.07
C MET A 44 5.79 6.27 5.49
N GLY A 45 4.65 6.12 6.15
CA GLY A 45 3.57 5.25 5.70
C GLY A 45 2.85 5.86 4.50
N VAL A 46 1.81 5.15 4.04
CA VAL A 46 0.97 5.56 2.91
C VAL A 46 0.45 7.04 2.99
N PRO A 47 -0.07 7.56 4.15
CA PRO A 47 -0.51 8.98 4.18
C PRO A 47 0.62 10.01 3.97
N THR A 48 1.82 9.72 4.50
CA THR A 48 3.00 10.60 4.38
C THR A 48 3.45 10.64 2.93
N VAL A 49 3.48 9.46 2.25
CA VAL A 49 3.85 9.40 0.83
C VAL A 49 2.88 10.26 -0.02
N THR A 50 1.57 10.18 0.26
CA THR A 50 0.54 10.96 -0.44
C THR A 50 0.76 12.47 -0.23
N ALA A 51 0.94 12.91 1.02
CA ALA A 51 1.17 14.33 1.34
C ALA A 51 2.48 14.87 0.71
N THR A 52 3.52 14.02 0.61
CA THR A 52 4.83 14.38 0.02
C THR A 52 4.68 14.62 -1.49
N ARG A 53 3.91 13.75 -2.17
CA ARG A 53 3.60 13.84 -3.59
C ARG A 53 2.93 15.18 -3.89
N ILE A 54 1.91 15.56 -3.07
CA ILE A 54 1.18 16.82 -3.18
C ILE A 54 2.20 17.98 -3.09
N LEU A 55 3.01 18.04 -1.98
CA LEU A 55 4.01 19.09 -1.72
C LEU A 55 5.08 19.20 -2.81
N LYS A 56 5.70 18.07 -3.20
CA LYS A 56 6.71 18.06 -4.26
C LYS A 56 6.13 18.61 -5.58
N GLY A 57 4.91 18.17 -5.92
CA GLY A 57 4.19 18.63 -7.09
C GLY A 57 4.00 20.13 -7.06
N GLN A 58 3.44 20.65 -5.95
CA GLN A 58 3.20 22.08 -5.72
C GLN A 58 4.47 22.95 -5.78
N LEU A 59 5.60 22.43 -5.25
CA LEU A 59 6.91 23.09 -5.26
C LEU A 59 7.41 23.31 -6.70
N GLY A 60 7.12 22.35 -7.58
CA GLY A 60 7.49 22.40 -9.00
C GLY A 60 6.44 23.04 -9.92
N GLY A 61 5.50 23.79 -9.34
CA GLY A 61 4.47 24.52 -10.07
C GLY A 61 3.26 23.74 -10.55
N HIS A 62 2.97 22.56 -9.97
CA HIS A 62 1.81 21.74 -10.34
C HIS A 62 0.73 21.75 -9.26
N LEU A 63 -0.46 21.17 -9.56
CA LEU A 63 -1.57 21.09 -8.60
C LEU A 63 -1.22 20.20 -7.41
N GLY A 64 -0.47 19.11 -7.67
CA GLY A 64 -0.01 18.20 -6.62
C GLY A 64 -0.16 16.71 -6.83
N PRO A 65 -1.40 16.14 -6.66
CA PRO A 65 -1.56 14.68 -6.72
C PRO A 65 -1.24 13.93 -8.02
N GLU A 66 -1.27 14.61 -9.17
CA GLU A 66 -0.97 14.07 -10.50
C GLU A 66 0.54 13.86 -10.77
N THR A 67 1.40 14.63 -10.07
CA THR A 67 2.85 14.64 -10.27
C THR A 67 3.58 13.46 -9.58
N PRO A 68 4.37 12.66 -10.31
CA PRO A 68 5.04 11.52 -9.66
C PRO A 68 6.34 11.86 -8.92
N LEU A 69 6.52 11.23 -7.75
CA LEU A 69 7.75 11.30 -6.94
C LEU A 69 8.74 10.33 -7.62
N ALA A 70 10.02 10.33 -7.20
CA ALA A 70 11.02 9.38 -7.73
C ALA A 70 10.60 7.93 -7.36
N MET A 71 9.99 7.74 -6.17
CA MET A 71 9.53 6.43 -5.73
C MET A 71 8.34 5.88 -6.51
N ASP A 72 7.45 6.78 -7.03
CA ASP A 72 6.28 6.39 -7.84
C ASP A 72 6.69 5.71 -9.15
N HIS A 73 7.96 5.83 -9.57
CA HIS A 73 8.47 5.18 -10.80
C HIS A 73 9.02 3.77 -10.57
N PHE A 74 9.04 3.30 -9.30
CA PHE A 74 9.53 1.96 -8.98
C PHE A 74 8.54 0.93 -9.51
N PRO A 75 8.99 -0.07 -10.28
CA PRO A 75 8.03 -1.00 -10.87
C PRO A 75 7.29 -1.91 -9.89
N PHE A 76 7.96 -2.36 -8.84
CA PHE A 76 7.34 -3.33 -7.91
C PHE A 76 6.97 -2.80 -6.57
N THR A 77 5.78 -3.19 -6.09
CA THR A 77 5.14 -2.76 -4.85
C THR A 77 4.60 -3.94 -4.05
N ALA A 78 4.69 -3.82 -2.73
CA ALA A 78 4.16 -4.77 -1.79
C ALA A 78 3.74 -4.04 -0.51
N LEU A 79 2.92 -4.68 0.31
CA LEU A 79 2.53 -4.18 1.62
C LEU A 79 3.31 -4.98 2.65
N SER A 80 3.78 -4.30 3.69
CA SER A 80 4.62 -4.86 4.73
C SER A 80 3.91 -4.82 6.09
N LYS A 81 3.84 -5.97 6.80
CA LYS A 81 3.22 -6.08 8.14
C LYS A 81 4.31 -5.83 9.15
N THR A 82 4.16 -4.74 9.91
CA THR A 82 5.20 -4.20 10.81
C THR A 82 5.25 -4.64 12.28
N TYR A 83 4.22 -5.33 12.79
CA TYR A 83 4.14 -5.75 14.20
C TYR A 83 5.44 -6.35 14.79
N ASN A 84 5.75 -6.05 16.07
CA ASN A 84 6.88 -6.67 16.77
C ASN A 84 6.32 -7.97 17.38
N VAL A 85 7.18 -8.86 17.88
CA VAL A 85 6.72 -10.12 18.49
C VAL A 85 5.80 -9.89 19.71
N ASP A 86 6.09 -8.85 20.50
CA ASP A 86 5.35 -8.53 21.73
C ASP A 86 4.43 -7.31 21.63
N ARG A 87 4.41 -6.59 20.49
CA ARG A 87 3.57 -5.38 20.36
C ARG A 87 3.02 -5.22 18.94
N GLN A 88 1.70 -5.06 18.82
CA GLN A 88 0.97 -4.83 17.57
C GLN A 88 1.40 -3.49 16.96
N VAL A 89 1.62 -2.47 17.78
CA VAL A 89 2.13 -1.15 17.38
C VAL A 89 3.65 -1.22 17.65
N PRO A 90 4.50 -1.22 16.58
CA PRO A 90 5.94 -1.40 16.82
C PRO A 90 6.75 -0.12 17.05
N ASP A 91 8.02 -0.26 17.43
CA ASP A 91 8.93 0.89 17.51
C ASP A 91 10.00 0.76 16.41
N SEP A 92 10.86 1.77 16.25
CA SEP A 92 11.91 1.76 15.24
CB SEP A 92 12.54 3.18 15.19
OG SEP A 92 11.52 4.14 14.90
C SEP A 92 13.01 0.71 15.51
O SEP A 92 13.67 0.27 14.55
P SEP A 92 11.25 5.15 16.02
O1P SEP A 92 12.56 5.86 16.43
O2P SEP A 92 10.71 4.42 17.29
O3P SEP A 92 10.21 6.16 15.53
N ALA A 93 13.20 0.32 16.78
CA ALA A 93 14.25 -0.64 17.14
C ALA A 93 13.89 -2.09 16.73
N GLY A 94 12.69 -2.52 17.13
CA GLY A 94 12.17 -3.84 16.82
C GLY A 94 12.01 -4.08 15.33
N THR A 95 11.53 -3.05 14.60
CA THR A 95 11.34 -3.14 13.13
C THR A 95 12.66 -3.24 12.39
N ALA A 96 13.71 -2.50 12.85
CA ALA A 96 15.06 -2.50 12.29
C ALA A 96 15.62 -3.94 12.25
N THR A 97 15.41 -4.69 13.34
CA THR A 97 15.86 -6.08 13.40
C THR A 97 15.19 -6.90 12.26
N ALA A 98 13.88 -6.66 12.01
CA ALA A 98 13.15 -7.36 10.96
C ALA A 98 13.65 -7.00 9.54
N TYR A 99 13.69 -5.70 9.16
CA TYR A 99 14.11 -5.37 7.80
C TYR A 99 15.61 -5.40 7.53
N LEU A 100 16.43 -5.37 8.60
CA LEU A 100 17.90 -5.40 8.48
C LEU A 100 18.52 -6.77 8.79
N CYS A 101 17.89 -7.60 9.70
CA CYS A 101 18.42 -8.92 10.10
C CYS A 101 17.57 -10.10 9.62
N GLY A 102 16.30 -9.89 9.34
CA GLY A 102 15.44 -10.94 8.81
C GLY A 102 14.68 -11.75 9.83
N VAL A 103 14.68 -11.30 11.09
CA VAL A 103 13.92 -11.93 12.16
C VAL A 103 13.11 -10.90 12.92
N LYS A 104 11.85 -11.21 13.23
CA LYS A 104 11.05 -10.29 14.03
C LYS A 104 11.52 -10.36 15.49
N ALA A 105 11.40 -9.24 16.21
CA ALA A 105 11.95 -9.15 17.56
C ALA A 105 11.06 -8.36 18.49
N ASN A 106 11.52 -8.14 19.71
CA ASN A 106 10.78 -7.37 20.71
C ASN A 106 11.03 -5.87 20.59
N TYR A 107 10.01 -5.13 20.99
CA TYR A 107 9.96 -3.67 21.11
C TYR A 107 11.19 -3.18 21.93
N LYS A 108 11.90 -2.14 21.45
CA LYS A 108 13.05 -1.48 22.11
C LYS A 108 14.41 -2.21 22.13
N THR A 109 14.50 -3.35 21.44
CA THR A 109 15.73 -4.14 21.32
C THR A 109 16.26 -4.08 19.86
N ILE A 110 17.57 -4.24 19.67
CA ILE A 110 18.22 -4.18 18.35
C ILE A 110 19.15 -5.37 18.12
N GLY A 111 19.04 -6.01 16.96
CA GLY A 111 19.92 -7.10 16.55
C GLY A 111 19.97 -8.31 17.47
N VAL A 112 18.87 -8.58 18.17
CA VAL A 112 18.65 -9.72 19.06
C VAL A 112 17.30 -10.34 18.72
N SER A 113 17.18 -11.67 18.89
CA SER A 113 15.91 -12.35 18.63
C SER A 113 14.91 -12.02 19.75
N ALA A 114 13.64 -12.42 19.59
CA ALA A 114 12.61 -12.22 20.61
C ALA A 114 12.83 -13.11 21.87
N ALA A 115 13.90 -13.94 21.89
CA ALA A 115 14.31 -14.72 23.08
C ALA A 115 14.97 -13.76 24.08
N ALA A 116 15.53 -12.62 23.60
CA ALA A 116 16.13 -11.62 24.49
C ALA A 116 15.03 -10.82 25.16
N ARG A 117 15.35 -10.10 26.24
CA ARG A 117 14.36 -9.31 26.98
C ARG A 117 14.86 -7.91 27.17
N PHE A 118 14.00 -6.93 26.95
CA PHE A 118 14.32 -5.52 27.09
C PHE A 118 14.95 -5.22 28.43
N ASN A 119 16.06 -4.45 28.40
CA ASN A 119 16.78 -3.99 29.59
C ASN A 119 17.36 -5.10 30.48
N GLN A 120 17.43 -6.34 29.97
CA GLN A 120 18.01 -7.47 30.71
C GLN A 120 19.28 -7.90 29.97
N CYS A 121 20.40 -7.28 30.34
CA CYS A 121 21.73 -7.43 29.73
C CYS A 121 22.20 -8.88 29.48
N ASN A 122 21.96 -9.79 30.44
CA ASN A 122 22.33 -11.21 30.32
C ASN A 122 21.60 -11.96 29.20
N SER A 123 20.37 -11.52 28.85
CA SER A 123 19.55 -12.14 27.79
C SER A 123 20.08 -11.87 26.35
N THR A 124 21.15 -11.05 26.19
CA THR A 124 21.73 -10.73 24.88
C THR A 124 22.50 -11.92 24.30
N PHE A 125 23.37 -12.52 25.13
CA PHE A 125 24.32 -13.57 24.78
C PHE A 125 23.68 -14.85 24.30
N GLY A 126 24.07 -15.26 23.09
CA GLY A 126 23.52 -16.43 22.40
C GLY A 126 22.24 -16.10 21.64
N ASN A 127 21.72 -14.85 21.79
CA ASN A 127 20.50 -14.37 21.14
C ASN A 127 20.72 -13.32 20.05
N GLU A 128 21.98 -13.04 19.70
CA GLU A 128 22.33 -12.07 18.65
C GLU A 128 21.93 -12.57 17.26
N VAL A 129 21.41 -11.67 16.43
CA VAL A 129 21.09 -11.99 15.03
C VAL A 129 21.92 -11.06 14.14
N PHE A 130 22.46 -11.58 13.04
CA PHE A 130 23.36 -10.83 12.16
C PHE A 130 22.69 -10.23 10.94
N SER A 131 22.97 -8.94 10.70
CA SER A 131 22.36 -8.17 9.62
C SER A 131 22.81 -8.63 8.26
N VAL A 132 22.06 -8.25 7.23
CA VAL A 132 22.37 -8.45 5.83
C VAL A 132 23.68 -7.67 5.53
N MET A 133 23.83 -6.48 6.13
CA MET A 133 25.06 -5.70 5.95
C MET A 133 26.31 -6.48 6.45
N HIS A 134 26.20 -7.14 7.60
CA HIS A 134 27.26 -7.96 8.19
C HIS A 134 27.62 -9.10 7.24
N ARG A 135 26.59 -9.76 6.66
CA ARG A 135 26.78 -10.85 5.72
C ARG A 135 27.32 -10.37 4.36
N ALA A 136 27.02 -9.10 3.97
CA ALA A 136 27.52 -8.50 2.72
C ALA A 136 29.03 -8.26 2.88
N LYS A 137 29.45 -7.75 4.08
CA LYS A 137 30.86 -7.55 4.44
C LYS A 137 31.61 -8.89 4.37
N LYS A 138 31.06 -9.95 5.00
CA LYS A 138 31.64 -11.30 5.03
C LYS A 138 31.85 -11.87 3.60
N ALA A 139 30.97 -11.53 2.64
CA ALA A 139 31.06 -11.93 1.23
C ALA A 139 32.03 -11.06 0.41
N GLY A 140 32.69 -10.09 1.04
CA GLY A 140 33.65 -9.20 0.39
C GLY A 140 33.10 -7.91 -0.19
N LYS A 141 31.83 -7.58 0.07
CA LYS A 141 31.27 -6.32 -0.44
C LYS A 141 31.66 -5.18 0.50
N SER A 142 31.66 -3.95 0.00
CA SER A 142 31.91 -2.75 0.80
C SER A 142 30.56 -2.35 1.44
N VAL A 143 30.56 -1.81 2.66
CA VAL A 143 29.29 -1.50 3.33
C VAL A 143 29.21 -0.07 3.81
N GLY A 144 28.02 0.49 3.73
CA GLY A 144 27.80 1.85 4.16
C GLY A 144 26.46 2.11 4.82
N VAL A 145 26.47 3.11 5.70
CA VAL A 145 25.32 3.58 6.47
C VAL A 145 25.28 5.12 6.35
N VAL A 146 24.16 5.62 5.86
CA VAL A 146 23.92 7.04 5.68
C VAL A 146 22.61 7.39 6.39
N THR A 147 22.63 8.40 7.26
CA THR A 147 21.44 8.82 8.00
C THR A 147 21.44 10.31 8.36
N THR A 148 20.24 10.87 8.58
CA THR A 148 20.07 12.24 9.04
C THR A 148 19.95 12.25 10.57
N THR A 149 19.86 11.08 11.19
CA THR A 149 19.81 11.03 12.67
C THR A 149 21.24 10.78 13.16
N ARG A 150 21.41 10.56 14.45
CA ARG A 150 22.69 10.17 15.00
C ARG A 150 22.95 8.73 14.45
N VAL A 151 24.20 8.39 14.19
CA VAL A 151 24.59 7.07 13.64
C VAL A 151 24.32 5.93 14.64
N GLN A 152 24.06 6.30 15.90
CA GLN A 152 23.78 5.39 17.02
C GLN A 152 22.28 5.16 17.23
N HIS A 153 21.43 5.80 16.43
CA HIS A 153 19.96 5.66 16.48
C HIS A 153 19.54 4.24 16.08
N ALA A 154 18.33 3.83 16.51
CA ALA A 154 17.77 2.49 16.31
C ALA A 154 17.86 1.94 14.90
N SER A 155 17.46 2.70 13.89
CA SER A 155 17.48 2.24 12.49
C SER A 155 18.89 1.97 11.99
N PRO A 156 19.85 2.95 11.95
CA PRO A 156 21.22 2.61 11.51
C PRO A 156 21.91 1.58 12.40
N ALA A 157 21.65 1.61 13.73
CA ALA A 157 22.21 0.65 14.72
C ALA A 157 21.81 -0.77 14.39
N GLY A 158 20.66 -0.97 13.73
CA GLY A 158 20.20 -2.28 13.31
C GLY A 158 21.15 -2.99 12.34
N THR A 159 21.99 -2.23 11.62
CA THR A 159 22.93 -2.83 10.68
C THR A 159 24.18 -3.43 11.36
N TYR A 160 24.54 -2.97 12.57
CA TYR A 160 25.79 -3.42 13.22
C TYR A 160 25.70 -3.82 14.69
N ALA A 161 24.66 -3.38 15.42
CA ALA A 161 24.58 -3.58 16.87
C ALA A 161 23.69 -4.71 17.37
N HIS A 162 23.94 -5.14 18.60
CA HIS A 162 23.16 -6.13 19.34
C HIS A 162 23.00 -5.56 20.73
N THR A 163 21.79 -5.12 21.05
CA THR A 163 21.49 -4.52 22.36
C THR A 163 20.07 -4.82 22.79
N VAL A 164 19.90 -5.01 24.09
CA VAL A 164 18.59 -5.21 24.73
C VAL A 164 17.96 -3.86 25.08
N ASN A 165 18.66 -2.74 24.81
CA ASN A 165 18.12 -1.40 25.07
C ASN A 165 18.61 -0.38 24.04
N ARG A 166 17.70 0.09 23.19
CA ARG A 166 17.96 1.09 22.15
C ARG A 166 18.51 2.44 22.70
N ASP A 167 18.26 2.76 23.98
CA ASP A 167 18.72 4.03 24.55
C ASP A 167 20.18 4.06 25.03
N TRP A 168 20.91 2.91 24.90
CA TRP A 168 22.30 2.84 25.35
C TRP A 168 23.27 3.37 24.26
N TYR A 169 23.15 4.66 23.92
CA TYR A 169 23.96 5.35 22.90
C TYR A 169 25.44 5.40 23.26
N SER A 170 25.75 5.69 24.53
CA SER A 170 27.12 5.71 25.06
C SER A 170 27.14 5.06 26.45
N ASP A 171 28.34 4.85 27.01
CA ASP A 171 28.51 4.25 28.33
C ASP A 171 27.83 5.08 29.44
N ALA A 172 27.69 6.42 29.25
CA ALA A 172 27.00 7.32 30.18
C ALA A 172 25.49 7.03 30.30
N ASP A 173 24.90 6.40 29.27
CA ASP A 173 23.49 6.02 29.25
C ASP A 173 23.20 4.68 29.95
N MET A 174 24.24 3.90 30.20
CA MET A 174 24.07 2.55 30.74
C MET A 174 24.19 2.44 32.26
N PRO A 175 23.33 1.58 32.89
CA PRO A 175 23.50 1.35 34.33
C PRO A 175 24.78 0.55 34.54
N SER A 176 25.42 0.73 35.70
CA SER A 176 26.67 0.04 36.01
C SER A 176 26.56 -1.48 36.02
N SER A 177 25.38 -2.00 36.38
CA SER A 177 25.07 -3.43 36.38
C SER A 177 25.15 -4.03 34.93
N ALA A 178 24.76 -3.24 33.92
CA ALA A 178 24.79 -3.67 32.52
C ALA A 178 26.23 -3.71 31.99
N LEU A 179 27.07 -2.70 32.36
CA LEU A 179 28.49 -2.62 32.01
C LEU A 179 29.28 -3.79 32.61
N GLN A 180 29.02 -4.11 33.90
CA GLN A 180 29.65 -5.21 34.63
C GLN A 180 29.30 -6.57 34.01
N GLU A 181 28.09 -6.69 33.44
CA GLU A 181 27.62 -7.91 32.79
C GLU A 181 28.20 -8.18 31.38
N GLY A 182 28.99 -7.25 30.86
CA GLY A 182 29.65 -7.39 29.55
C GLY A 182 29.01 -6.67 28.39
N CYS A 183 27.90 -5.94 28.64
CA CYS A 183 27.20 -5.18 27.60
C CYS A 183 28.00 -3.97 27.13
N LYS A 184 27.96 -3.70 25.81
CA LYS A 184 28.67 -2.59 25.18
C LYS A 184 27.67 -1.58 24.65
N ASP A 185 27.97 -0.28 24.79
CA ASP A 185 27.10 0.78 24.25
C ASP A 185 27.14 0.76 22.71
N ILE A 186 26.11 1.36 22.07
CA ILE A 186 25.95 1.39 20.61
C ILE A 186 27.16 2.06 19.91
N ALA A 187 27.64 3.21 20.43
CA ALA A 187 28.81 3.91 19.88
C ALA A 187 30.05 3.03 19.81
N THR A 188 30.27 2.23 20.85
CA THR A 188 31.41 1.28 20.91
C THR A 188 31.23 0.17 19.86
N GLN A 189 29.99 -0.36 19.74
CA GLN A 189 29.66 -1.42 18.77
C GLN A 189 29.86 -0.98 17.31
N LEU A 190 29.63 0.30 17.02
CA LEU A 190 29.79 0.91 15.69
C LEU A 190 31.23 0.77 15.17
N ILE A 191 32.23 0.94 16.07
CA ILE A 191 33.63 0.87 15.68
C ILE A 191 34.23 -0.54 15.82
N SER A 192 33.64 -1.40 16.67
CA SER A 192 34.23 -2.70 16.91
C SER A 192 33.59 -3.98 16.39
N ASN A 193 32.27 -4.01 16.19
CA ASN A 193 31.57 -5.22 15.74
C ASN A 193 32.00 -5.71 14.38
N MET A 194 32.15 -4.78 13.43
CA MET A 194 32.49 -5.11 12.06
C MET A 194 33.18 -3.96 11.38
N ASP A 195 33.75 -4.23 10.21
CA ASP A 195 34.39 -3.24 9.38
C ASP A 195 33.28 -2.54 8.56
N ILE A 196 33.08 -1.24 8.77
CA ILE A 196 32.10 -0.48 8.01
C ILE A 196 32.93 0.50 7.19
N ASP A 197 32.78 0.50 5.87
CA ASP A 197 33.57 1.37 5.00
C ASP A 197 33.13 2.83 5.01
N VAL A 198 31.81 3.09 5.06
CA VAL A 198 31.27 4.45 5.01
C VAL A 198 30.23 4.64 6.11
N ILE A 199 30.46 5.64 6.99
CA ILE A 199 29.54 5.99 8.10
C ILE A 199 29.30 7.49 8.00
N LEU A 200 28.09 7.91 7.60
CA LEU A 200 27.75 9.33 7.49
C LEU A 200 26.45 9.65 8.22
N GLY A 201 26.50 10.68 9.07
CA GLY A 201 25.34 11.15 9.83
C GLY A 201 25.70 12.03 10.99
N GLY A 202 24.88 12.01 12.03
CA GLY A 202 25.17 12.77 13.24
C GLY A 202 25.70 11.88 14.34
N GLY A 203 25.79 12.42 15.56
CA GLY A 203 26.21 11.67 16.73
C GLY A 203 27.65 11.82 17.18
N ARG A 204 28.27 13.02 17.00
CA ARG A 204 29.67 13.27 17.45
C ARG A 204 29.85 13.07 18.94
N LYS A 205 28.95 13.64 19.77
CA LYS A 205 29.11 13.61 21.22
C LYS A 205 29.26 12.26 21.92
N PHE A 206 28.71 11.18 21.35
CA PHE A 206 28.77 9.82 21.91
C PHE A 206 30.11 9.12 21.67
N MET A 207 30.96 9.71 20.82
CA MET A 207 32.27 9.18 20.40
C MET A 207 33.45 9.75 21.18
N PHE A 208 33.25 10.84 21.93
CA PHE A 208 34.34 11.55 22.59
C PHE A 208 34.30 11.59 24.12
N PRO A 209 35.47 11.62 24.81
CA PRO A 209 35.47 11.71 26.29
C PRO A 209 34.76 12.94 26.82
N LYS A 210 34.21 12.82 28.03
CA LYS A 210 33.49 13.89 28.72
C LYS A 210 34.25 15.20 28.68
N GLY A 211 33.59 16.25 28.19
CA GLY A 211 34.18 17.58 28.13
C GLY A 211 34.87 17.96 26.84
N THR A 212 35.12 16.99 25.90
CA THR A 212 35.74 17.29 24.60
C THR A 212 34.83 18.27 23.87
N PRO A 213 35.27 19.53 23.63
CA PRO A 213 34.39 20.50 22.96
C PRO A 213 34.05 20.07 21.53
N ASP A 214 32.81 20.33 21.13
CA ASP A 214 32.37 20.03 19.78
C ASP A 214 33.09 20.98 18.80
N PRO A 215 33.56 20.51 17.62
CA PRO A 215 34.27 21.43 16.70
C PRO A 215 33.43 22.60 16.18
N GLU A 216 32.11 22.49 16.13
CA GLU A 216 31.23 23.56 15.65
C GLU A 216 30.53 24.33 16.78
N TYR A 217 30.43 23.73 17.97
CA TYR A 217 29.78 24.39 19.12
C TYR A 217 30.71 24.33 20.33
N PRO A 218 31.95 24.89 20.27
CA PRO A 218 32.87 24.75 21.41
C PRO A 218 32.47 25.47 22.70
N GLY A 219 31.66 26.52 22.58
CA GLY A 219 31.16 27.31 23.70
C GLY A 219 29.95 26.75 24.41
N ASP A 220 29.35 25.65 23.88
CA ASP A 220 28.19 25.00 24.48
C ASP A 220 28.58 23.65 25.09
N SER A 221 28.43 23.52 26.42
CA SER A 221 28.72 22.33 27.21
C SER A 221 27.77 21.17 26.90
N ASP A 222 26.53 21.50 26.48
CA ASP A 222 25.52 20.50 26.11
C ASP A 222 25.91 19.72 24.85
N GLN A 223 26.79 20.30 24.01
CA GLN A 223 27.27 19.71 22.76
C GLN A 223 28.58 18.93 22.90
N SER A 224 29.21 18.97 24.07
CA SER A 224 30.50 18.32 24.32
C SER A 224 30.43 16.80 24.42
N GLY A 225 31.58 16.13 24.36
CA GLY A 225 31.72 14.69 24.53
C GLY A 225 31.10 14.25 25.83
N VAL A 226 30.60 13.01 25.87
CA VAL A 226 29.89 12.50 27.05
C VAL A 226 30.47 11.22 27.63
N ARG A 227 31.42 10.57 26.94
CA ARG A 227 31.99 9.28 27.38
C ARG A 227 32.72 9.39 28.72
N LEU A 228 32.59 8.34 29.53
CA LEU A 228 33.21 8.29 30.86
C LEU A 228 34.36 7.29 30.95
N ASP A 229 34.64 6.59 29.86
CA ASP A 229 35.71 5.59 29.81
C ASP A 229 37.00 6.16 29.18
N SER A 230 37.09 7.51 28.97
CA SER A 230 38.25 8.20 28.36
C SER A 230 38.59 7.75 26.91
N ARG A 231 37.65 7.04 26.25
CA ARG A 231 37.88 6.54 24.90
C ARG A 231 37.52 7.57 23.85
N ASN A 232 38.37 7.68 22.84
CA ASN A 232 38.11 8.50 21.68
C ASN A 232 37.80 7.47 20.59
N LEU A 233 36.51 7.20 20.35
CA LEU A 233 36.08 6.16 19.41
C LEU A 233 36.40 6.48 17.95
N VAL A 234 36.43 7.76 17.59
CA VAL A 234 36.80 8.18 16.25
C VAL A 234 38.29 7.79 16.00
N GLU A 235 39.23 8.18 16.93
CA GLU A 235 40.66 7.85 16.80
C GLU A 235 40.89 6.33 16.76
N GLU A 236 40.13 5.55 17.54
CA GLU A 236 40.22 4.08 17.52
C GLU A 236 39.73 3.48 16.19
N TRP A 237 38.65 4.04 15.57
CA TRP A 237 38.13 3.58 14.27
C TRP A 237 39.13 3.92 13.14
N LEU A 238 39.72 5.13 13.18
CA LEU A 238 40.71 5.59 12.21
C LEU A 238 41.95 4.67 12.17
N ALA A 239 42.37 4.16 13.34
CA ALA A 239 43.57 3.31 13.48
C ALA A 239 43.38 1.87 13.03
N LYS A 240 42.14 1.44 12.73
CA LYS A 240 41.86 0.07 12.31
C LYS A 240 42.55 -0.32 11.01
N TYR A 241 42.63 0.60 10.05
CA TYR A 241 43.21 0.38 8.73
C TYR A 241 43.85 1.64 8.23
N GLN A 242 44.67 1.48 7.19
CA GLN A 242 45.28 2.57 6.44
C GLN A 242 44.18 3.08 5.50
N GLY A 243 44.21 4.37 5.16
CA GLY A 243 43.26 4.95 4.21
C GLY A 243 41.94 5.45 4.81
N THR A 244 41.86 5.50 6.17
CA THR A 244 40.66 5.99 6.86
C THR A 244 40.68 7.52 6.93
N ARG A 245 39.52 8.15 7.00
CA ARG A 245 39.42 9.60 7.08
C ARG A 245 38.19 9.95 7.91
N TYR A 246 38.35 10.94 8.79
CA TYR A 246 37.26 11.46 9.61
C TYR A 246 36.98 12.89 9.15
N VAL A 247 35.70 13.20 8.89
CA VAL A 247 35.24 14.53 8.46
C VAL A 247 34.09 14.98 9.36
N TRP A 248 33.92 16.30 9.54
CA TRP A 248 32.84 16.86 10.37
C TRP A 248 32.07 18.03 9.73
N ASN A 249 32.44 18.39 8.51
CA ASN A 249 31.75 19.45 7.76
C ASN A 249 31.74 19.13 6.28
N ARG A 250 30.91 19.85 5.54
CA ARG A 250 30.72 19.68 4.10
C ARG A 250 32.00 19.87 3.28
N GLU A 251 32.78 20.94 3.55
CA GLU A 251 34.03 21.20 2.81
C GLU A 251 34.99 20.00 2.89
N GLN A 252 35.16 19.42 4.11
CA GLN A 252 35.98 18.22 4.33
C GLN A 252 35.38 17.02 3.59
N LEU A 253 34.04 16.86 3.65
CA LEU A 253 33.36 15.75 2.96
C LEU A 253 33.60 15.75 1.43
N MET A 254 33.46 16.91 0.79
CA MET A 254 33.63 17.06 -0.66
C MET A 254 35.03 16.68 -1.16
N GLN A 255 36.09 17.12 -0.47
CA GLN A 255 37.46 16.77 -0.83
C GLN A 255 37.72 15.27 -0.60
N ALA A 256 37.21 14.71 0.54
CA ALA A 256 37.42 13.30 0.85
C ALA A 256 36.80 12.39 -0.18
N SER A 257 35.65 12.80 -0.79
CA SER A 257 34.95 12.01 -1.82
C SER A 257 35.74 11.86 -3.14
N GLN A 258 36.62 12.82 -3.44
CA GLN A 258 37.43 12.76 -4.65
C GLN A 258 38.90 12.33 -4.41
N ASP A 259 39.29 12.16 -3.13
CA ASP A 259 40.65 11.80 -2.69
C ASP A 259 41.00 10.29 -2.94
N PRO A 260 42.01 9.97 -3.77
CA PRO A 260 42.30 8.53 -4.02
C PRO A 260 42.83 7.73 -2.83
N ALA A 261 43.48 8.42 -1.88
CA ALA A 261 44.02 7.77 -0.68
C ALA A 261 42.93 7.41 0.36
N VAL A 262 41.70 7.97 0.21
CA VAL A 262 40.60 7.71 1.14
C VAL A 262 39.84 6.47 0.69
N THR A 263 39.88 5.40 1.48
CA THR A 263 39.14 4.18 1.13
C THR A 263 38.01 3.88 2.12
N ARG A 264 38.08 4.49 3.32
CA ARG A 264 37.08 4.35 4.39
C ARG A 264 36.79 5.75 4.94
N LEU A 265 35.51 6.04 5.17
CA LEU A 265 35.13 7.37 5.59
C LEU A 265 34.11 7.41 6.72
N MET A 266 34.39 8.22 7.73
CA MET A 266 33.47 8.50 8.83
C MET A 266 33.19 10.00 8.84
N GLY A 267 31.92 10.37 8.64
CA GLY A 267 31.48 11.76 8.67
C GLY A 267 30.41 11.94 9.70
N LEU A 268 30.69 12.72 10.75
CA LEU A 268 29.77 13.00 11.85
C LEU A 268 29.56 14.50 11.86
N PHE A 269 28.43 14.93 11.32
CA PHE A 269 28.12 16.33 11.05
C PHE A 269 27.47 17.18 12.13
N GLU A 270 27.04 16.58 13.23
CA GLU A 270 26.40 17.31 14.33
C GLU A 270 26.65 16.57 15.64
N PRO A 271 26.52 17.24 16.80
CA PRO A 271 26.64 16.50 18.08
C PRO A 271 25.61 15.36 18.17
N THR A 272 24.34 15.58 17.77
CA THR A 272 23.29 14.52 17.78
C THR A 272 22.68 14.40 16.38
N GLU A 273 21.38 14.67 16.23
CA GLU A 273 20.68 14.61 14.94
C GLU A 273 21.16 15.72 14.03
N MET A 274 21.13 15.46 12.72
CA MET A 274 21.48 16.49 11.76
C MET A 274 20.31 17.47 11.68
N LYS A 275 20.58 18.71 11.28
CA LYS A 275 19.53 19.74 11.21
C LYS A 275 18.50 19.38 10.14
N TYR A 276 17.26 19.89 10.27
CA TYR A 276 16.25 19.72 9.23
C TYR A 276 16.80 20.42 7.98
N ASP A 277 16.65 19.79 6.81
CA ASP A 277 17.22 20.31 5.56
C ASP A 277 16.92 21.79 5.32
N VAL A 278 15.72 22.20 5.73
CA VAL A 278 15.19 23.55 5.64
C VAL A 278 15.96 24.57 6.50
N ASN A 279 16.62 24.10 7.59
CA ASN A 279 17.38 24.95 8.50
C ASN A 279 18.90 24.78 8.37
N ARG A 280 19.36 23.95 7.42
CA ARG A 280 20.79 23.71 7.32
C ARG A 280 21.58 24.84 6.67
N ASN A 281 22.84 24.99 7.13
CA ASN A 281 23.81 25.93 6.60
C ASN A 281 24.39 25.23 5.38
N ALA A 282 24.01 25.68 4.18
CA ALA A 282 24.43 25.07 2.90
C ALA A 282 25.95 24.92 2.67
N SER A 283 26.78 25.71 3.38
CA SER A 283 28.23 25.64 3.25
C SER A 283 28.90 24.69 4.26
N ALA A 284 28.34 24.59 5.48
CA ALA A 284 28.86 23.73 6.55
C ALA A 284 28.24 22.32 6.60
N ASP A 285 26.92 22.19 6.28
CA ASP A 285 26.14 20.96 6.43
C ASP A 285 25.77 20.27 5.11
N PRO A 286 26.15 18.99 4.91
CA PRO A 286 25.77 18.31 3.66
C PRO A 286 24.32 17.84 3.70
N SER A 287 23.64 17.85 2.54
CA SER A 287 22.26 17.36 2.47
C SER A 287 22.30 15.81 2.43
N LEU A 288 21.13 15.15 2.58
CA LEU A 288 21.06 13.69 2.50
C LEU A 288 21.45 13.19 1.09
N ALA A 289 21.05 13.92 0.02
CA ALA A 289 21.39 13.61 -1.37
C ALA A 289 22.92 13.67 -1.61
N GLU A 290 23.61 14.65 -0.99
CA GLU A 290 25.07 14.83 -1.06
C GLU A 290 25.80 13.68 -0.38
N MET A 291 25.37 13.30 0.85
CA MET A 291 25.94 12.17 1.60
C MET A 291 25.74 10.85 0.82
N THR A 292 24.57 10.67 0.18
CA THR A 292 24.23 9.48 -0.63
C THR A 292 25.18 9.36 -1.84
N GLU A 293 25.39 10.49 -2.56
CA GLU A 293 26.31 10.54 -3.69
C GLU A 293 27.75 10.18 -3.26
N VAL A 294 28.21 10.73 -2.12
CA VAL A 294 29.56 10.44 -1.61
C VAL A 294 29.68 8.96 -1.25
N ALA A 295 28.67 8.40 -0.55
CA ALA A 295 28.69 6.99 -0.18
C ALA A 295 28.72 6.09 -1.43
N VAL A 296 27.85 6.35 -2.44
CA VAL A 296 27.83 5.59 -3.69
C VAL A 296 29.20 5.68 -4.43
N ARG A 297 29.79 6.86 -4.54
CA ARG A 297 31.10 7.02 -5.20
C ARG A 297 32.21 6.22 -4.51
N LEU A 298 32.24 6.22 -3.18
CA LEU A 298 33.24 5.47 -2.42
C LEU A 298 32.99 3.94 -2.43
N LEU A 299 31.74 3.51 -2.28
CA LEU A 299 31.39 2.10 -2.21
C LEU A 299 31.47 1.39 -3.56
N SER A 300 31.21 2.10 -4.68
CA SER A 300 31.21 1.54 -6.03
C SER A 300 32.58 1.12 -6.61
N ARG A 301 33.68 1.52 -5.96
CA ARG A 301 35.05 1.18 -6.35
C ARG A 301 35.36 -0.32 -6.13
N ASN A 302 34.66 -0.96 -5.18
CA ASN A 302 34.85 -2.38 -4.90
C ASN A 302 34.27 -3.22 -6.06
N PRO A 303 35.09 -4.05 -6.76
CA PRO A 303 34.54 -4.88 -7.85
C PRO A 303 33.52 -5.94 -7.40
N GLN A 304 33.55 -6.33 -6.11
CA GLN A 304 32.59 -7.29 -5.51
C GLN A 304 31.20 -6.65 -5.27
N GLY A 305 31.11 -5.32 -5.29
CA GLY A 305 29.85 -4.66 -5.05
C GLY A 305 29.73 -4.08 -3.66
N PHE A 306 28.53 -3.58 -3.34
CA PHE A 306 28.30 -2.93 -2.05
C PHE A 306 26.90 -3.07 -1.54
N TYR A 307 26.77 -2.84 -0.24
CA TYR A 307 25.50 -2.79 0.47
C TYR A 307 25.43 -1.37 1.06
N LEU A 308 24.35 -0.63 0.80
CA LEU A 308 24.20 0.70 1.36
C LEU A 308 22.83 0.88 2.02
N PHE A 309 22.83 1.35 3.27
CA PHE A 309 21.61 1.67 4.01
C PHE A 309 21.51 3.20 4.10
N VAL A 310 20.37 3.77 3.63
CA VAL A 310 20.13 5.23 3.64
C VAL A 310 18.87 5.53 4.41
N GLU A 311 18.97 6.31 5.47
CA GLU A 311 17.79 6.66 6.25
C GLU A 311 17.43 8.14 6.20
N GLY A 312 16.18 8.42 5.80
CA GLY A 312 15.56 9.75 5.88
C GLY A 312 14.91 9.71 7.25
N GLY A 313 15.73 9.85 8.29
CA GLY A 313 15.40 9.63 9.69
C GLY A 313 14.64 10.66 10.50
N ARG A 314 14.40 11.84 9.94
CA ARG A 314 13.71 12.88 10.70
C ARG A 314 12.29 13.18 10.20
N ILE A 315 11.78 12.36 9.26
CA ILE A 315 10.43 12.49 8.70
C ILE A 315 9.36 12.41 9.82
N ASP A 316 9.40 11.37 10.67
CA ASP A 316 8.44 11.23 11.77
C ASP A 316 8.66 12.27 12.89
N GLN A 317 9.93 12.61 13.21
CA GLN A 317 10.32 13.59 14.23
C GLN A 317 9.71 14.99 13.99
N GLY A 318 9.65 15.39 12.72
CA GLY A 318 9.04 16.66 12.31
C GLY A 318 7.53 16.58 12.39
N HIS A 319 6.97 15.39 12.12
CA HIS A 319 5.53 15.09 12.14
C HIS A 319 4.98 15.08 13.58
N THR A 323 5.72 20.78 13.36
CA THR A 323 4.77 20.99 12.26
C THR A 323 5.03 20.08 11.04
N ALA A 324 3.96 19.80 10.27
CA ALA A 324 3.97 18.97 9.06
C ALA A 324 4.97 19.42 8.00
N TYR A 325 5.23 20.74 7.89
CA TYR A 325 6.17 21.32 6.93
C TYR A 325 7.60 20.76 7.04
N LEU A 326 8.10 20.57 8.27
CA LEU A 326 9.42 19.99 8.53
C LEU A 326 9.44 18.53 8.04
N ALA A 327 8.44 17.72 8.48
CA ALA A 327 8.27 16.33 8.11
C ALA A 327 8.21 16.13 6.58
N LEU A 328 7.40 16.95 5.87
CA LEU A 328 7.25 16.87 4.42
C LEU A 328 8.45 17.31 3.61
N THR A 329 9.16 18.39 4.05
CA THR A 329 10.40 18.84 3.38
C THR A 329 11.52 17.80 3.54
N GLU A 330 11.57 17.05 4.69
CA GLU A 330 12.54 15.94 4.88
C GLU A 330 12.22 14.80 3.91
N ALA A 331 10.92 14.51 3.72
CA ALA A 331 10.45 13.47 2.80
C ALA A 331 10.74 13.81 1.36
N VAL A 332 10.67 15.10 0.98
CA VAL A 332 11.02 15.62 -0.36
C VAL A 332 12.53 15.45 -0.59
N MET A 333 13.40 15.78 0.42
CA MET A 333 14.85 15.62 0.33
C MET A 333 15.20 14.10 0.25
N PHE A 334 14.43 13.27 0.97
CA PHE A 334 14.61 11.81 0.94
C PHE A 334 14.34 11.27 -0.49
N ASP A 335 13.28 11.79 -1.16
CA ASP A 335 12.93 11.45 -2.53
C ASP A 335 14.03 11.88 -3.52
N SER A 336 14.67 13.04 -3.28
CA SER A 336 15.78 13.49 -4.13
C SER A 336 17.03 12.63 -3.90
N ALA A 337 17.22 12.04 -2.69
CA ALA A 337 18.37 11.14 -2.45
C ALA A 337 18.19 9.83 -3.27
N ILE A 338 16.92 9.38 -3.44
CA ILE A 338 16.54 8.19 -4.24
C ILE A 338 16.83 8.47 -5.72
N GLU A 339 16.42 9.65 -6.21
CA GLU A 339 16.69 10.05 -7.60
C GLU A 339 18.20 10.13 -7.84
N LYS A 340 18.96 10.72 -6.90
CA LYS A 340 20.42 10.81 -7.02
C LYS A 340 21.07 9.44 -7.15
N ALA A 341 20.69 8.47 -6.28
CA ALA A 341 21.22 7.10 -6.36
C ALA A 341 20.84 6.42 -7.68
N SER A 342 19.61 6.65 -8.19
CA SER A 342 19.14 6.09 -9.46
C SER A 342 20.01 6.55 -10.65
N GLN A 343 20.59 7.76 -10.57
CA GLN A 343 21.47 8.34 -11.58
C GLN A 343 22.86 7.75 -11.52
N LEU A 344 23.33 7.38 -10.32
CA LEU A 344 24.68 6.86 -10.13
C LEU A 344 24.81 5.34 -10.21
N THR A 345 23.68 4.64 -10.33
CA THR A 345 23.69 3.19 -10.38
C THR A 345 22.87 2.67 -11.54
N ASN A 346 23.18 1.46 -11.98
CA ASN A 346 22.48 0.80 -13.07
C ASN A 346 21.50 -0.23 -12.49
N GLU A 347 20.25 -0.19 -12.94
CA GLU A 347 19.14 -1.07 -12.60
C GLU A 347 19.48 -2.54 -12.91
N LYS A 348 20.35 -2.80 -13.91
CA LYS A 348 20.75 -4.15 -14.31
C LYS A 348 21.61 -4.87 -13.26
N ASP A 349 22.29 -4.12 -12.37
CA ASP A 349 23.11 -4.79 -11.35
C ASP A 349 22.85 -4.33 -9.89
N THR A 350 21.85 -3.45 -9.70
CA THR A 350 21.56 -2.85 -8.40
C THR A 350 20.10 -3.06 -8.02
N LEU A 351 19.88 -3.70 -6.87
CA LEU A 351 18.57 -3.88 -6.30
C LEU A 351 18.38 -2.73 -5.29
N THR A 352 17.37 -1.88 -5.55
CA THR A 352 17.06 -0.75 -4.67
C THR A 352 15.68 -1.01 -4.08
N LEU A 353 15.58 -0.92 -2.75
CA LEU A 353 14.32 -1.06 -2.03
C LEU A 353 14.05 0.23 -1.26
N ILE A 354 12.79 0.65 -1.27
CA ILE A 354 12.33 1.81 -0.51
C ILE A 354 11.24 1.29 0.42
N THR A 355 11.35 1.60 1.71
CA THR A 355 10.29 1.25 2.65
C THR A 355 10.24 2.23 3.82
N ALA A 356 9.33 1.98 4.74
CA ALA A 356 9.18 2.72 5.99
C ALA A 356 9.32 1.67 7.08
N ASP A 357 9.80 2.06 8.26
CA ASP A 357 9.93 1.12 9.37
C ASP A 357 8.56 0.85 10.00
N HIS A 358 7.72 1.88 10.09
CA HIS A 358 6.37 1.85 10.65
C HIS A 358 5.59 3.09 10.18
N SER A 359 4.27 3.03 10.25
CA SER A 359 3.43 4.17 9.85
C SER A 359 3.56 5.30 10.91
N HIS A 360 3.21 6.55 10.55
CA HIS A 360 3.23 7.65 11.52
C HIS A 360 2.12 7.41 12.58
N VAL A 361 2.50 7.38 13.86
CA VAL A 361 1.56 7.15 14.98
C VAL A 361 1.21 8.45 15.72
N THR A 368 -11.13 18.29 0.47
CA THR A 368 -10.53 19.59 0.17
C THR A 368 -10.29 19.78 -1.34
N LEU A 369 -10.42 21.03 -1.82
CA LEU A 369 -10.28 21.44 -3.22
C LEU A 369 -8.90 21.14 -3.81
N ARG A 370 -8.89 20.80 -5.11
CA ARG A 370 -7.67 20.51 -5.87
C ARG A 370 -7.09 21.79 -6.45
N HIS A 432 -4.18 3.88 16.40
CA HIS A 432 -3.82 4.92 15.44
C HIS A 432 -2.43 4.68 14.80
N GLY A 433 -1.85 3.51 15.10
CA GLY A 433 -0.55 3.02 14.64
C GLY A 433 -0.62 1.55 14.26
N GLY A 434 0.51 0.99 13.82
CA GLY A 434 0.60 -0.41 13.41
C GLY A 434 0.09 -0.76 12.02
N GLU A 435 -0.33 0.27 11.22
CA GLU A 435 -0.83 0.09 9.85
C GLU A 435 0.30 -0.47 8.96
N ASP A 436 -0.06 -1.28 7.95
CA ASP A 436 0.91 -1.80 6.98
C ASP A 436 1.53 -0.63 6.20
N VAL A 437 2.77 -0.82 5.74
CA VAL A 437 3.48 0.20 4.96
C VAL A 437 3.80 -0.35 3.57
N ALA A 438 4.09 0.54 2.63
CA ALA A 438 4.47 0.14 1.29
C ALA A 438 5.96 -0.20 1.20
N ILE A 439 6.29 -1.15 0.33
CA ILE A 439 7.65 -1.50 -0.05
C ILE A 439 7.69 -1.22 -1.57
N PHE A 440 8.73 -0.53 -2.05
CA PHE A 440 8.95 -0.25 -3.48
C PHE A 440 10.27 -0.89 -3.84
N ALA A 441 10.33 -1.54 -5.02
CA ALA A 441 11.57 -2.18 -5.45
C ALA A 441 11.85 -2.03 -6.95
N ARG A 442 13.12 -2.00 -7.31
CA ARG A 442 13.61 -1.92 -8.69
C ARG A 442 14.94 -2.69 -8.75
N GLY A 443 15.20 -3.36 -9.88
CA GLY A 443 16.45 -4.07 -10.09
C GLY A 443 16.36 -5.59 -10.08
N PRO A 444 17.52 -6.29 -10.03
CA PRO A 444 17.50 -7.78 -10.04
C PRO A 444 16.72 -8.35 -8.86
N GLN A 445 15.77 -9.27 -9.15
CA GLN A 445 14.94 -9.95 -8.15
C GLN A 445 13.92 -9.02 -7.46
N ALA A 446 13.73 -7.79 -8.00
CA ALA A 446 12.74 -6.86 -7.44
C ALA A 446 11.33 -7.39 -7.63
N HIS A 447 11.11 -8.28 -8.64
CA HIS A 447 9.80 -8.89 -8.90
C HIS A 447 9.39 -9.86 -7.78
N LEU A 448 10.34 -10.23 -6.89
CA LEU A 448 10.01 -11.06 -5.73
C LEU A 448 9.32 -10.22 -4.67
N VAL A 449 9.36 -8.88 -4.80
CA VAL A 449 8.68 -7.94 -3.90
C VAL A 449 7.26 -7.78 -4.45
N HIS A 450 6.30 -8.52 -3.85
CA HIS A 450 4.90 -8.56 -4.29
C HIS A 450 3.98 -8.90 -3.13
N GLY A 451 2.70 -8.62 -3.29
CA GLY A 451 1.65 -8.98 -2.34
C GLY A 451 1.73 -8.31 -1.00
N VAL A 452 1.37 -9.08 0.04
CA VAL A 452 1.38 -8.68 1.43
C VAL A 452 2.42 -9.57 2.08
N GLN A 453 3.46 -8.95 2.66
CA GLN A 453 4.57 -9.68 3.25
C GLN A 453 4.80 -9.28 4.70
N GLU A 454 5.46 -10.14 5.44
CA GLU A 454 5.92 -9.82 6.80
C GLU A 454 7.14 -8.90 6.60
N GLN A 455 7.36 -7.93 7.49
CA GLN A 455 8.48 -6.97 7.35
C GLN A 455 9.89 -7.62 7.22
N ASN A 456 10.11 -8.75 7.91
CA ASN A 456 11.40 -9.43 7.85
C ASN A 456 11.76 -9.99 6.46
N TYR A 457 10.77 -10.05 5.54
CA TYR A 457 10.94 -10.52 4.17
C TYR A 457 11.92 -9.62 3.39
N ILE A 458 11.95 -8.32 3.71
CA ILE A 458 12.84 -7.31 3.08
C ILE A 458 14.31 -7.76 3.16
N ALA A 459 14.76 -8.18 4.34
CA ALA A 459 16.13 -8.62 4.56
C ALA A 459 16.44 -9.89 3.76
N HIS A 460 15.48 -10.83 3.69
CA HIS A 460 15.66 -12.09 2.94
C HIS A 460 15.69 -11.90 1.42
N VAL A 461 14.85 -10.99 0.84
CA VAL A 461 14.89 -10.70 -0.61
C VAL A 461 16.24 -10.05 -0.98
N MET A 462 16.76 -9.17 -0.10
CA MET A 462 18.05 -8.55 -0.31
C MET A 462 19.21 -9.55 -0.20
N ALA A 463 19.18 -10.46 0.78
CA ALA A 463 20.19 -11.50 0.94
C ALA A 463 20.16 -12.43 -0.27
N PHE A 464 18.93 -12.88 -0.69
CA PHE A 464 18.73 -13.74 -1.83
C PHE A 464 19.26 -13.11 -3.12
N ALA A 465 18.85 -11.85 -3.42
CA ALA A 465 19.32 -11.14 -4.62
C ALA A 465 20.83 -10.96 -4.65
N GLY A 466 21.45 -10.71 -3.49
CA GLY A 466 22.90 -10.56 -3.43
C GLY A 466 23.69 -11.85 -3.32
N CYS A 467 23.00 -13.03 -3.27
CA CYS A 467 23.57 -14.38 -3.06
C CYS A 467 24.43 -14.40 -1.78
N LEU A 468 23.92 -13.76 -0.73
CA LEU A 468 24.55 -13.70 0.58
C LEU A 468 23.93 -14.79 1.45
N GLU A 469 24.63 -15.20 2.51
CA GLU A 469 24.11 -16.18 3.47
C GLU A 469 22.74 -15.70 3.97
N PRO A 470 21.76 -16.59 4.23
CA PRO A 470 21.77 -18.05 4.02
C PRO A 470 21.47 -18.49 2.57
N TYR A 471 21.54 -17.58 1.58
CA TYR A 471 21.23 -17.88 0.16
C TYR A 471 22.42 -17.92 -0.81
N THR A 472 23.57 -18.44 -0.36
CA THR A 472 24.77 -18.62 -1.22
C THR A 472 24.38 -19.52 -2.41
N ASP A 473 23.46 -20.47 -2.16
CA ASP A 473 22.88 -21.44 -3.10
C ASP A 473 21.73 -20.80 -3.93
N CYS A 474 21.75 -19.47 -4.16
CA CYS A 474 20.70 -18.71 -4.86
C CYS A 474 20.36 -19.32 -6.24
N GLY A 475 21.38 -19.85 -6.92
CA GLY A 475 21.26 -20.43 -8.26
C GLY A 475 21.04 -19.38 -9.35
N LEU A 476 21.34 -18.10 -9.06
CA LEU A 476 21.17 -16.99 -9.99
C LEU A 476 22.41 -16.73 -10.83
N ALA A 477 22.20 -16.31 -12.09
CA ALA A 477 23.28 -15.95 -13.00
C ALA A 477 23.85 -14.60 -12.55
N PRO A 478 25.16 -14.32 -12.68
CA PRO A 478 25.65 -13.00 -12.24
C PRO A 478 25.22 -11.88 -13.20
N PRO A 479 25.12 -10.59 -12.80
CA PRO A 479 24.78 -9.56 -13.81
C PRO A 479 25.97 -9.31 -14.75
N ALA A 480 25.73 -8.65 -15.91
CA ALA A 480 26.83 -8.32 -16.84
C ALA A 480 27.73 -7.21 -16.23
N ASP A 481 29.01 -7.12 -16.70
CA ASP A 481 30.08 -6.20 -16.28
C ASP A 481 30.67 -6.58 -14.93
N PRO B 3 3.96 -16.20 22.19
CA PRO B 3 4.33 -17.38 21.39
C PRO B 3 5.83 -17.68 21.40
N VAL B 4 6.20 -18.82 22.04
CA VAL B 4 7.56 -19.31 22.21
C VAL B 4 8.24 -19.63 20.86
N GLU B 5 7.48 -20.13 19.85
CA GLU B 5 8.00 -20.46 18.51
C GLU B 5 8.59 -19.21 17.87
N GLU B 6 7.93 -18.04 18.10
CA GLU B 6 8.29 -16.73 17.60
C GLU B 6 9.57 -16.16 18.21
N GLU B 7 10.05 -16.76 19.31
CA GLU B 7 11.29 -16.33 19.95
C GLU B 7 12.52 -16.97 19.29
N ASN B 8 12.28 -17.97 18.43
CA ASN B 8 13.35 -18.67 17.73
C ASN B 8 13.58 -18.01 16.36
N PRO B 9 14.82 -17.54 16.06
CA PRO B 9 15.09 -16.97 14.73
C PRO B 9 14.76 -17.93 13.58
N VAL B 10 14.86 -19.27 13.80
CA VAL B 10 14.56 -20.34 12.84
C VAL B 10 13.11 -20.20 12.32
N PHE B 11 12.15 -19.87 13.20
CA PHE B 11 10.76 -19.68 12.83
C PHE B 11 10.59 -18.57 11.78
N TRP B 12 11.27 -17.41 11.97
CA TRP B 12 11.19 -16.27 11.05
C TRP B 12 11.94 -16.52 9.75
N ASN B 13 13.09 -17.19 9.85
CA ASN B 13 13.91 -17.58 8.69
C ASN B 13 13.17 -18.57 7.78
N GLN B 14 12.42 -19.51 8.38
CA GLN B 14 11.65 -20.51 7.65
C GLN B 14 10.46 -19.89 6.96
N LYS B 15 9.79 -18.96 7.66
CA LYS B 15 8.62 -18.23 7.17
C LYS B 15 9.02 -17.40 5.93
N ALA B 16 10.20 -16.76 5.97
CA ALA B 16 10.66 -15.97 4.84
C ALA B 16 11.16 -16.83 3.69
N LYS B 17 11.80 -18.00 3.98
CA LYS B 17 12.26 -18.94 2.95
C LYS B 17 11.02 -19.45 2.17
N GLU B 18 9.90 -19.71 2.88
CA GLU B 18 8.63 -20.16 2.30
C GLU B 18 8.06 -19.09 1.38
N ALA B 19 8.08 -17.82 1.82
CA ALA B 19 7.57 -16.68 1.03
C ALA B 19 8.42 -16.45 -0.21
N LEU B 20 9.74 -16.65 -0.12
CA LEU B 20 10.67 -16.57 -1.26
C LEU B 20 10.31 -17.61 -2.35
N ASP B 21 10.02 -18.89 -1.93
CA ASP B 21 9.65 -20.01 -2.84
C ASP B 21 8.38 -19.69 -3.64
N VAL B 22 7.36 -19.14 -2.96
CA VAL B 22 6.08 -18.71 -3.54
C VAL B 22 6.32 -17.58 -4.59
N ALA B 23 7.15 -16.58 -4.26
CA ALA B 23 7.47 -15.47 -5.17
C ALA B 23 8.22 -15.96 -6.42
N LYS B 24 9.15 -16.93 -6.27
CA LYS B 24 9.90 -17.51 -7.39
C LYS B 24 9.04 -18.37 -8.31
N LYS B 25 8.06 -19.10 -7.75
CA LYS B 25 7.12 -19.95 -8.49
C LYS B 25 6.06 -19.12 -9.23
N LEU B 26 5.81 -17.90 -8.78
CA LEU B 26 4.81 -17.01 -9.34
C LEU B 26 5.13 -16.61 -10.79
N GLN B 27 4.24 -17.04 -11.71
CA GLN B 27 4.33 -16.79 -13.16
C GLN B 27 3.13 -15.97 -13.65
N PRO B 28 3.35 -14.99 -14.55
CA PRO B 28 2.21 -14.23 -15.08
C PRO B 28 1.33 -15.09 -16.00
N ILE B 29 0.01 -14.90 -15.99
CA ILE B 29 -0.90 -15.62 -16.89
C ILE B 29 -1.07 -14.66 -18.08
N GLN B 30 -0.54 -15.06 -19.24
CA GLN B 30 -0.47 -14.22 -20.44
C GLN B 30 -1.65 -14.28 -21.41
N THR B 31 -2.78 -14.80 -20.96
CA THR B 31 -3.95 -14.84 -21.82
C THR B 31 -4.89 -13.69 -21.49
N SER B 32 -6.01 -13.60 -22.21
CA SER B 32 -7.06 -12.66 -21.88
C SER B 32 -7.87 -13.35 -20.74
N ALA B 33 -8.78 -12.62 -20.13
CA ALA B 33 -9.66 -13.17 -19.09
C ALA B 33 -11.04 -13.36 -19.71
N LYS B 34 -11.67 -14.48 -19.37
CA LYS B 34 -13.04 -14.77 -19.76
C LYS B 34 -13.99 -14.00 -18.80
N ASN B 35 -13.67 -14.04 -17.50
CA ASN B 35 -14.47 -13.42 -16.46
C ASN B 35 -13.75 -12.28 -15.78
N LEU B 36 -14.51 -11.27 -15.35
CA LEU B 36 -13.96 -10.11 -14.67
C LEU B 36 -14.75 -9.88 -13.39
N ILE B 37 -14.04 -9.79 -12.26
CA ILE B 37 -14.67 -9.57 -10.96
C ILE B 37 -13.98 -8.41 -10.25
N LEU B 38 -14.76 -7.43 -9.80
CA LEU B 38 -14.24 -6.31 -9.04
C LEU B 38 -14.92 -6.30 -7.66
N PHE B 39 -14.11 -6.44 -6.61
CA PHE B 39 -14.57 -6.38 -5.23
C PHE B 39 -14.22 -5.01 -4.69
N LEU B 40 -15.21 -4.23 -4.29
CA LEU B 40 -14.92 -2.90 -3.75
C LEU B 40 -15.31 -2.76 -2.27
N GLY B 41 -14.33 -2.41 -1.44
CA GLY B 41 -14.54 -2.17 -0.01
C GLY B 41 -14.74 -0.68 0.23
N ASP B 42 -15.93 -0.29 0.69
CA ASP B 42 -16.24 1.11 0.99
C ASP B 42 -15.31 1.63 2.09
N GLY B 43 -14.45 2.61 1.74
CA GLY B 43 -13.52 3.20 2.68
C GLY B 43 -12.51 2.23 3.25
N MET B 44 -12.21 1.16 2.50
CA MET B 44 -11.29 0.14 2.96
C MET B 44 -9.82 0.42 2.61
N GLY B 45 -9.28 1.48 3.19
CA GLY B 45 -7.88 1.85 3.01
C GLY B 45 -6.97 0.92 3.77
N VAL B 46 -5.66 1.17 3.69
CA VAL B 46 -4.60 0.42 4.37
C VAL B 46 -4.85 0.23 5.91
N PRO B 47 -5.25 1.27 6.70
CA PRO B 47 -5.52 1.02 8.14
C PRO B 47 -6.67 0.06 8.42
N THR B 48 -7.75 0.11 7.61
CA THR B 48 -8.93 -0.75 7.74
C THR B 48 -8.55 -2.19 7.45
N VAL B 49 -7.76 -2.42 6.37
CA VAL B 49 -7.28 -3.76 6.03
C VAL B 49 -6.48 -4.37 7.20
N THR B 50 -5.57 -3.57 7.81
CA THR B 50 -4.76 -3.99 8.95
C THR B 50 -5.65 -4.38 10.16
N ALA B 51 -6.60 -3.50 10.54
CA ALA B 51 -7.50 -3.76 11.68
C ALA B 51 -8.40 -4.99 11.43
N THR B 52 -8.81 -5.24 10.16
CA THR B 52 -9.65 -6.38 9.76
C THR B 52 -8.89 -7.70 9.94
N ARG B 53 -7.60 -7.71 9.54
CA ARG B 53 -6.70 -8.85 9.67
C ARG B 53 -6.59 -9.24 11.14
N ILE B 54 -6.45 -8.23 12.03
CA ILE B 54 -6.34 -8.47 13.46
C ILE B 54 -7.64 -9.08 14.02
N LEU B 55 -8.78 -8.49 13.68
CA LEU B 55 -10.08 -9.00 14.11
C LEU B 55 -10.40 -10.41 13.58
N LYS B 56 -10.23 -10.65 12.27
CA LYS B 56 -10.46 -11.98 11.67
C LYS B 56 -9.59 -13.03 12.34
N GLY B 57 -8.31 -12.70 12.57
CA GLY B 57 -7.35 -13.56 13.24
C GLY B 57 -7.84 -13.94 14.63
N GLN B 58 -8.18 -12.91 15.44
CA GLN B 58 -8.70 -13.06 16.81
C GLN B 58 -9.99 -13.88 16.90
N LEU B 59 -10.91 -13.70 15.93
CA LEU B 59 -12.18 -14.44 15.84
C LEU B 59 -11.93 -15.95 15.67
N GLY B 60 -10.89 -16.31 14.93
CA GLY B 60 -10.49 -17.69 14.69
C GLY B 60 -9.49 -18.27 15.69
N GLY B 61 -9.36 -17.63 16.85
CA GLY B 61 -8.51 -18.08 17.94
C GLY B 61 -7.03 -17.77 17.85
N HIS B 62 -6.62 -16.79 17.02
CA HIS B 62 -5.20 -16.40 16.87
C HIS B 62 -4.91 -15.04 17.51
N LEU B 63 -3.61 -14.64 17.60
CA LEU B 63 -3.20 -13.35 18.16
C LEU B 63 -3.69 -12.18 17.30
N GLY B 64 -3.69 -12.37 15.97
CA GLY B 64 -4.19 -11.37 15.03
C GLY B 64 -3.36 -11.02 13.81
N PRO B 65 -2.27 -10.23 13.97
CA PRO B 65 -1.53 -9.74 12.79
C PRO B 65 -0.82 -10.74 11.87
N GLU B 66 -0.51 -11.92 12.39
CA GLU B 66 0.19 -12.99 11.67
C GLU B 66 -0.74 -13.79 10.73
N THR B 67 -2.06 -13.80 11.02
CA THR B 67 -3.07 -14.56 10.27
C THR B 67 -3.52 -13.87 8.99
N PRO B 68 -3.27 -14.51 7.82
CA PRO B 68 -3.68 -13.90 6.55
C PRO B 68 -5.18 -13.83 6.30
N LEU B 69 -5.59 -12.76 5.60
CA LEU B 69 -6.95 -12.56 5.11
C LEU B 69 -6.97 -13.25 3.73
N ALA B 70 -8.17 -13.47 3.12
CA ALA B 70 -8.28 -14.04 1.77
C ALA B 70 -7.56 -13.11 0.75
N MET B 71 -7.64 -11.79 0.97
CA MET B 71 -6.97 -10.82 0.12
C MET B 71 -5.45 -10.84 0.19
N ASP B 72 -4.88 -11.19 1.37
CA ASP B 72 -3.43 -11.29 1.59
C ASP B 72 -2.78 -12.36 0.69
N HIS B 73 -3.59 -13.28 0.11
CA HIS B 73 -3.09 -14.33 -0.79
C HIS B 73 -3.05 -13.91 -2.27
N PHE B 74 -3.51 -12.69 -2.58
CA PHE B 74 -3.49 -12.19 -3.96
C PHE B 74 -2.04 -11.91 -4.37
N PRO B 75 -1.58 -12.42 -5.52
CA PRO B 75 -0.17 -12.25 -5.87
C PRO B 75 0.27 -10.82 -6.19
N PHE B 76 -0.59 -10.03 -6.83
CA PHE B 76 -0.21 -8.69 -7.29
C PHE B 76 -0.85 -7.56 -6.53
N THR B 77 -0.03 -6.56 -6.20
CA THR B 77 -0.38 -5.38 -5.42
C THR B 77 0.08 -4.09 -6.10
N ALA B 78 -0.71 -3.03 -5.91
CA ALA B 78 -0.39 -1.70 -6.40
C ALA B 78 -1.03 -0.68 -5.46
N LEU B 79 -0.56 0.57 -5.52
CA LEU B 79 -1.16 1.70 -4.80
C LEU B 79 -1.96 2.50 -5.80
N SER B 80 -3.12 2.99 -5.38
CA SER B 80 -4.07 3.72 -6.23
C SER B 80 -4.24 5.14 -5.74
N LYS B 81 -4.05 6.14 -6.63
CA LYS B 81 -4.23 7.57 -6.28
C LYS B 81 -5.69 7.90 -6.59
N THR B 82 -6.45 8.28 -5.56
CA THR B 82 -7.90 8.47 -5.58
C THR B 82 -8.52 9.85 -5.87
N TYR B 83 -7.74 10.93 -5.91
CA TYR B 83 -8.25 12.30 -6.13
C TYR B 83 -9.28 12.45 -7.28
N ASN B 84 -10.27 13.32 -7.09
CA ASN B 84 -11.25 13.65 -8.12
C ASN B 84 -10.63 14.83 -8.90
N VAL B 85 -11.15 15.15 -10.11
CA VAL B 85 -10.61 16.25 -10.94
C VAL B 85 -10.63 17.61 -10.17
N ASP B 86 -11.69 17.85 -9.40
CA ASP B 86 -11.89 19.09 -8.66
C ASP B 86 -11.68 19.01 -7.13
N ARG B 87 -11.32 17.83 -6.59
CA ARG B 87 -11.13 17.67 -5.14
C ARG B 87 -10.05 16.64 -4.80
N GLN B 88 -9.05 17.06 -4.00
CA GLN B 88 -7.95 16.22 -3.50
C GLN B 88 -8.51 15.09 -2.63
N VAL B 89 -9.50 15.41 -1.77
CA VAL B 89 -10.23 14.42 -0.95
C VAL B 89 -11.49 14.04 -1.76
N PRO B 90 -11.58 12.79 -2.26
CA PRO B 90 -12.71 12.46 -3.15
C PRO B 90 -13.98 11.95 -2.47
N ASP B 91 -15.07 11.78 -3.24
CA ASP B 91 -16.26 11.13 -2.70
C ASP B 91 -16.46 9.79 -3.44
N SEP B 92 -17.44 8.98 -3.01
CA SEP B 92 -17.69 7.68 -3.62
CB SEP B 92 -18.72 6.93 -2.74
OG SEP B 92 -18.18 6.83 -1.39
C SEP B 92 -18.23 7.78 -5.06
O SEP B 92 -18.05 6.84 -5.84
P SEP B 92 -18.98 7.59 -0.31
O1P SEP B 92 -20.40 7.18 -0.35
O2P SEP B 92 -18.96 9.08 -0.60
O3P SEP B 92 -18.33 7.30 1.02
N ALA B 93 -18.88 8.91 -5.43
CA ALA B 93 -19.46 9.08 -6.76
C ALA B 93 -18.38 9.32 -7.84
N GLY B 94 -17.51 10.29 -7.57
CA GLY B 94 -16.41 10.66 -8.47
C GLY B 94 -15.44 9.52 -8.69
N THR B 95 -15.11 8.76 -7.60
CA THR B 95 -14.18 7.62 -7.67
C THR B 95 -14.77 6.47 -8.47
N ALA B 96 -16.09 6.20 -8.33
CA ALA B 96 -16.81 5.15 -9.07
C ALA B 96 -16.63 5.34 -10.58
N THR B 97 -16.74 6.60 -11.06
CA THR B 97 -16.54 6.89 -12.48
C THR B 97 -15.11 6.46 -12.92
N ALA B 98 -14.09 6.71 -12.08
CA ALA B 98 -12.71 6.33 -12.36
C ALA B 98 -12.50 4.81 -12.39
N TYR B 99 -12.86 4.06 -11.32
CA TYR B 99 -12.62 2.61 -11.35
C TYR B 99 -13.62 1.77 -12.15
N LEU B 100 -14.79 2.34 -12.48
CA LEU B 100 -15.82 1.64 -13.25
C LEU B 100 -15.90 2.09 -14.72
N CYS B 101 -15.58 3.38 -15.05
CA CYS B 101 -15.63 3.90 -16.43
C CYS B 101 -14.25 4.22 -17.05
N GLY B 102 -13.22 4.43 -16.23
CA GLY B 102 -11.87 4.68 -16.73
C GLY B 102 -11.50 6.12 -16.95
N VAL B 103 -12.33 7.05 -16.49
CA VAL B 103 -12.05 8.47 -16.59
C VAL B 103 -12.26 9.14 -15.23
N LYS B 104 -11.33 10.04 -14.85
CA LYS B 104 -11.51 10.75 -13.60
C LYS B 104 -12.58 11.82 -13.81
N ALA B 105 -13.34 12.14 -12.75
CA ALA B 105 -14.48 13.03 -12.86
C ALA B 105 -14.61 13.93 -11.67
N ASN B 106 -15.67 14.74 -11.63
CA ASN B 106 -15.94 15.64 -10.53
C ASN B 106 -16.69 14.99 -9.40
N TYR B 107 -16.42 15.50 -8.21
CA TYR B 107 -17.03 15.20 -6.92
C TYR B 107 -18.59 15.25 -7.09
N LYS B 108 -19.30 14.22 -6.59
CA LYS B 108 -20.77 14.11 -6.57
C LYS B 108 -21.52 13.79 -7.89
N THR B 109 -20.77 13.51 -8.95
CA THR B 109 -21.32 13.14 -10.27
C THR B 109 -20.98 11.64 -10.58
N ILE B 110 -21.82 10.98 -11.39
CA ILE B 110 -21.65 9.56 -11.73
C ILE B 110 -21.75 9.35 -13.26
N GLY B 111 -20.81 8.59 -13.82
CA GLY B 111 -20.81 8.22 -15.23
C GLY B 111 -20.83 9.35 -16.23
N VAL B 112 -20.25 10.48 -15.86
CA VAL B 112 -20.07 11.69 -16.68
C VAL B 112 -18.63 12.16 -16.54
N SER B 113 -18.09 12.77 -17.60
CA SER B 113 -16.72 13.29 -17.56
C SER B 113 -16.68 14.57 -16.69
N ALA B 114 -15.47 15.09 -16.39
CA ALA B 114 -15.31 16.33 -15.62
C ALA B 114 -15.77 17.60 -16.41
N ALA B 115 -16.24 17.42 -17.68
CA ALA B 115 -16.83 18.51 -18.47
C ALA B 115 -18.23 18.79 -17.94
N ALA B 116 -18.87 17.79 -17.28
CA ALA B 116 -20.20 17.99 -16.69
C ALA B 116 -20.06 18.78 -15.39
N ARG B 117 -21.15 19.36 -14.90
CA ARG B 117 -21.14 20.16 -13.68
C ARG B 117 -22.20 19.67 -12.72
N PHE B 118 -21.82 19.56 -11.45
CA PHE B 118 -22.70 19.10 -10.40
C PHE B 118 -24.01 19.87 -10.38
N ASN B 119 -25.14 19.13 -10.30
CA ASN B 119 -26.48 19.70 -10.21
C ASN B 119 -26.93 20.53 -11.41
N GLN B 120 -26.22 20.48 -12.54
CA GLN B 120 -26.59 21.19 -13.76
C GLN B 120 -26.97 20.15 -14.82
N CYS B 121 -28.27 19.80 -14.85
CA CYS B 121 -28.88 18.79 -15.72
C CYS B 121 -28.47 18.82 -17.21
N ASN B 122 -28.44 20.01 -17.82
CA ASN B 122 -28.05 20.20 -19.23
C ASN B 122 -26.60 19.78 -19.54
N SER B 123 -25.68 19.88 -18.55
CA SER B 123 -24.27 19.51 -18.71
C SER B 123 -24.02 17.98 -18.83
N THR B 124 -25.07 17.13 -18.70
CA THR B 124 -24.97 15.67 -18.80
C THR B 124 -24.74 15.22 -20.25
N PHE B 125 -25.58 15.76 -21.17
CA PHE B 125 -25.65 15.39 -22.58
C PHE B 125 -24.41 15.64 -23.36
N GLY B 126 -23.89 14.57 -23.98
CA GLY B 126 -22.64 14.59 -24.72
C GLY B 126 -21.43 14.38 -23.83
N ASN B 127 -21.65 14.34 -22.48
CA ASN B 127 -20.61 14.13 -21.48
C ASN B 127 -20.65 12.78 -20.76
N GLU B 128 -21.53 11.87 -21.19
CA GLU B 128 -21.66 10.53 -20.60
C GLU B 128 -20.44 9.66 -20.91
N VAL B 129 -20.00 8.89 -19.92
CA VAL B 129 -18.91 7.93 -20.13
C VAL B 129 -19.46 6.54 -19.82
N PHE B 130 -19.08 5.54 -20.61
CA PHE B 130 -19.61 4.19 -20.48
C PHE B 130 -18.74 3.25 -19.68
N SER B 131 -19.36 2.52 -18.74
CA SER B 131 -18.66 1.63 -17.82
C SER B 131 -18.10 0.43 -18.54
N VAL B 132 -17.15 -0.25 -17.90
CA VAL B 132 -16.59 -1.52 -18.33
C VAL B 132 -17.74 -2.56 -18.34
N MET B 133 -18.68 -2.47 -17.37
CA MET B 133 -19.83 -3.37 -17.30
C MET B 133 -20.69 -3.27 -18.57
N HIS B 134 -20.94 -2.03 -19.01
CA HIS B 134 -21.70 -1.70 -20.22
C HIS B 134 -21.01 -2.29 -21.45
N ARG B 135 -19.68 -2.13 -21.53
CA ARG B 135 -18.89 -2.65 -22.65
C ARG B 135 -18.78 -4.17 -22.62
N ALA B 136 -18.86 -4.78 -21.42
CA ALA B 136 -18.83 -6.25 -21.24
C ALA B 136 -20.15 -6.82 -21.78
N LYS B 137 -21.27 -6.16 -21.48
CA LYS B 137 -22.61 -6.53 -21.98
C LYS B 137 -22.67 -6.41 -23.54
N LYS B 138 -22.11 -5.32 -24.09
CA LYS B 138 -22.02 -5.07 -25.54
C LYS B 138 -21.24 -6.20 -26.25
N ALA B 139 -20.22 -6.76 -25.59
CA ALA B 139 -19.40 -7.88 -26.09
C ALA B 139 -20.05 -9.26 -25.89
N GLY B 140 -21.27 -9.31 -25.33
CA GLY B 140 -22.01 -10.55 -25.09
C GLY B 140 -21.81 -11.22 -23.74
N LYS B 141 -21.06 -10.58 -22.82
CA LYS B 141 -20.90 -11.19 -21.48
C LYS B 141 -22.15 -10.93 -20.61
N SER B 142 -22.40 -11.78 -19.64
CA SER B 142 -23.47 -11.57 -18.65
C SER B 142 -22.90 -10.64 -17.57
N VAL B 143 -23.76 -9.79 -16.96
CA VAL B 143 -23.30 -8.78 -16.00
C VAL B 143 -24.10 -8.76 -14.69
N GLY B 144 -23.40 -8.48 -13.60
CA GLY B 144 -24.01 -8.45 -12.28
C GLY B 144 -23.44 -7.42 -11.33
N VAL B 145 -24.30 -6.98 -10.41
CA VAL B 145 -24.03 -5.98 -9.38
C VAL B 145 -24.55 -6.55 -8.05
N VAL B 146 -23.65 -6.65 -7.08
CA VAL B 146 -23.94 -7.16 -5.76
C VAL B 146 -23.44 -6.12 -4.75
N THR B 147 -24.33 -5.69 -3.82
CA THR B 147 -23.97 -4.67 -2.83
C THR B 147 -24.75 -4.81 -1.52
N THR B 148 -24.18 -4.28 -0.42
CA THR B 148 -24.84 -4.25 0.87
C THR B 148 -25.53 -2.89 1.05
N THR B 149 -25.32 -1.95 0.11
CA THR B 149 -26.02 -0.65 0.19
C THR B 149 -27.25 -0.75 -0.71
N ARG B 150 -27.95 0.37 -0.90
CA ARG B 150 -29.05 0.43 -1.86
C ARG B 150 -28.38 0.30 -3.25
N VAL B 151 -29.06 -0.36 -4.19
CA VAL B 151 -28.54 -0.59 -5.55
C VAL B 151 -28.40 0.72 -6.34
N GLN B 152 -29.01 1.80 -5.83
CA GLN B 152 -29.01 3.16 -6.41
C GLN B 152 -27.88 4.04 -5.83
N HIS B 153 -27.09 3.51 -4.88
CA HIS B 153 -25.95 4.21 -4.27
C HIS B 153 -24.86 4.50 -5.32
N ALA B 154 -24.00 5.47 -5.02
CA ALA B 154 -22.94 5.94 -5.91
C ALA B 154 -22.06 4.87 -6.52
N SER B 155 -21.54 3.93 -5.71
CA SER B 155 -20.65 2.86 -6.21
C SER B 155 -21.34 1.94 -7.19
N PRO B 156 -22.46 1.20 -6.84
CA PRO B 156 -23.13 0.36 -7.85
C PRO B 156 -23.68 1.15 -9.02
N ALA B 157 -24.17 2.39 -8.79
CA ALA B 157 -24.71 3.27 -9.84
C ALA B 157 -23.66 3.60 -10.90
N GLY B 158 -22.39 3.58 -10.51
CA GLY B 158 -21.30 3.82 -11.43
C GLY B 158 -21.22 2.82 -12.57
N THR B 159 -21.78 1.60 -12.39
CA THR B 159 -21.78 0.57 -13.45
C THR B 159 -22.83 0.81 -14.54
N TYR B 160 -23.90 1.58 -14.26
CA TYR B 160 -25.00 1.74 -15.24
C TYR B 160 -25.52 3.17 -15.46
N ALA B 161 -25.28 4.09 -14.50
CA ALA B 161 -25.89 5.42 -14.54
C ALA B 161 -25.03 6.57 -15.04
N HIS B 162 -25.68 7.65 -15.47
CA HIS B 162 -25.08 8.93 -15.89
C HIS B 162 -25.93 10.00 -15.22
N THR B 163 -25.36 10.66 -14.22
CA THR B 163 -26.04 11.71 -13.49
C THR B 163 -25.06 12.76 -12.99
N VAL B 164 -25.52 14.01 -13.00
CA VAL B 164 -24.80 15.17 -12.46
C VAL B 164 -25.05 15.32 -10.95
N ASN B 165 -25.89 14.45 -10.37
CA ASN B 165 -26.15 14.49 -8.93
C ASN B 165 -26.39 13.09 -8.36
N ARG B 166 -25.46 12.62 -7.54
CA ARG B 166 -25.52 11.30 -6.88
C ARG B 166 -26.77 11.13 -5.96
N ASP B 167 -27.38 12.23 -5.48
CA ASP B 167 -28.53 12.13 -4.60
C ASP B 167 -29.88 11.92 -5.29
N TRP B 168 -29.91 11.87 -6.65
CA TRP B 168 -31.14 11.70 -7.39
C TRP B 168 -31.53 10.19 -7.48
N TYR B 169 -31.79 9.57 -6.31
CA TYR B 169 -32.14 8.15 -6.19
C TYR B 169 -33.47 7.83 -6.88
N SER B 170 -34.47 8.70 -6.70
CA SER B 170 -35.79 8.58 -7.33
C SER B 170 -36.24 9.95 -7.84
N ASP B 171 -37.35 9.98 -8.59
CA ASP B 171 -37.92 11.21 -9.13
C ASP B 171 -38.31 12.22 -8.03
N ALA B 172 -38.66 11.72 -6.80
CA ALA B 172 -38.98 12.56 -5.64
C ALA B 172 -37.79 13.40 -5.16
N ASP B 173 -36.56 12.94 -5.46
CA ASP B 173 -35.33 13.65 -5.07
C ASP B 173 -34.95 14.75 -6.08
N MET B 174 -35.56 14.75 -7.26
CA MET B 174 -35.18 15.66 -8.34
C MET B 174 -36.00 16.95 -8.46
N PRO B 175 -35.34 18.09 -8.77
CA PRO B 175 -36.13 19.31 -9.03
C PRO B 175 -36.90 19.13 -10.35
N SER B 176 -38.07 19.75 -10.45
CA SER B 176 -38.90 19.64 -11.65
C SER B 176 -38.23 20.13 -12.94
N SER B 177 -37.35 21.13 -12.81
CA SER B 177 -36.56 21.69 -13.91
C SER B 177 -35.61 20.61 -14.51
N ALA B 178 -35.07 19.69 -13.69
CA ALA B 178 -34.18 18.63 -14.13
C ALA B 178 -34.97 17.55 -14.88
N LEU B 179 -36.18 17.21 -14.38
CA LEU B 179 -37.08 16.24 -15.03
C LEU B 179 -37.51 16.72 -16.42
N GLN B 180 -37.88 18.01 -16.53
CA GLN B 180 -38.28 18.66 -17.77
C GLN B 180 -37.13 18.72 -18.79
N GLU B 181 -35.89 18.82 -18.31
CA GLU B 181 -34.69 18.87 -19.15
C GLU B 181 -34.25 17.50 -19.71
N GLY B 182 -34.94 16.42 -19.32
CA GLY B 182 -34.65 15.07 -19.79
C GLY B 182 -33.84 14.18 -18.88
N CYS B 183 -33.45 14.69 -17.69
CA CYS B 183 -32.70 13.89 -16.72
C CYS B 183 -33.54 12.78 -16.10
N LYS B 184 -32.95 11.59 -15.89
CA LYS B 184 -33.64 10.44 -15.31
C LYS B 184 -33.03 10.13 -13.95
N ASP B 185 -33.84 9.75 -12.96
CA ASP B 185 -33.35 9.34 -11.64
C ASP B 185 -32.58 8.02 -11.76
N ILE B 186 -31.72 7.73 -10.76
CA ILE B 186 -30.87 6.53 -10.73
C ILE B 186 -31.68 5.22 -10.80
N ALA B 187 -32.78 5.13 -10.01
CA ALA B 187 -33.65 3.93 -10.01
C ALA B 187 -34.22 3.63 -11.41
N THR B 188 -34.60 4.67 -12.15
CA THR B 188 -35.10 4.52 -13.54
C THR B 188 -33.96 4.03 -14.46
N GLN B 189 -32.75 4.58 -14.30
CA GLN B 189 -31.58 4.23 -15.13
C GLN B 189 -31.16 2.78 -14.92
N LEU B 190 -31.37 2.24 -13.71
CA LEU B 190 -31.05 0.86 -13.34
C LEU B 190 -31.80 -0.16 -14.20
N ILE B 191 -33.08 0.14 -14.49
CA ILE B 191 -33.87 -0.78 -15.29
C ILE B 191 -33.84 -0.48 -16.80
N SER B 192 -33.52 0.75 -17.19
CA SER B 192 -33.58 1.10 -18.61
C SER B 192 -32.31 1.28 -19.42
N ASN B 193 -31.19 1.70 -18.80
CA ASN B 193 -29.95 1.98 -19.55
C ASN B 193 -29.37 0.77 -20.24
N MET B 194 -29.39 -0.38 -19.57
CA MET B 194 -28.81 -1.60 -20.12
C MET B 194 -29.44 -2.82 -19.50
N ASP B 195 -29.19 -3.97 -20.10
CA ASP B 195 -29.62 -5.26 -19.60
C ASP B 195 -28.65 -5.69 -18.49
N ILE B 196 -29.15 -5.80 -17.24
CA ILE B 196 -28.32 -6.26 -16.13
C ILE B 196 -28.91 -7.62 -15.76
N ASP B 197 -28.13 -8.67 -15.82
CA ASP B 197 -28.65 -10.00 -15.54
C ASP B 197 -28.91 -10.26 -14.04
N VAL B 198 -28.02 -9.76 -13.15
CA VAL B 198 -28.16 -9.97 -11.70
C VAL B 198 -28.03 -8.62 -10.95
N ILE B 199 -29.02 -8.31 -10.09
CA ILE B 199 -29.04 -7.10 -9.28
C ILE B 199 -29.40 -7.54 -7.85
N LEU B 200 -28.45 -7.48 -6.91
CA LEU B 200 -28.71 -7.90 -5.54
C LEU B 200 -28.22 -6.83 -4.58
N GLY B 201 -29.10 -6.43 -3.65
CA GLY B 201 -28.77 -5.45 -2.62
C GLY B 201 -30.01 -4.84 -1.96
N GLY B 202 -29.91 -3.60 -1.53
CA GLY B 202 -31.06 -2.91 -0.95
C GLY B 202 -31.67 -1.91 -1.91
N GLY B 203 -32.58 -1.07 -1.42
CA GLY B 203 -33.20 -0.01 -2.22
C GLY B 203 -34.58 -0.26 -2.78
N ARG B 204 -35.44 -1.04 -2.08
CA ARG B 204 -36.83 -1.31 -2.52
C ARG B 204 -37.65 -0.04 -2.68
N LYS B 205 -37.62 0.87 -1.70
CA LYS B 205 -38.49 2.07 -1.72
C LYS B 205 -38.41 3.01 -2.92
N PHE B 206 -37.25 3.06 -3.60
CA PHE B 206 -37.04 3.93 -4.77
C PHE B 206 -37.67 3.39 -6.06
N MET B 207 -38.13 2.13 -6.02
CA MET B 207 -38.68 1.37 -7.16
C MET B 207 -40.20 1.36 -7.20
N PHE B 208 -40.87 1.78 -6.12
CA PHE B 208 -42.32 1.69 -6.02
C PHE B 208 -43.07 3.01 -5.86
N PRO B 209 -44.32 3.11 -6.40
CA PRO B 209 -45.11 4.36 -6.24
C PRO B 209 -45.35 4.74 -4.78
N LYS B 210 -45.51 6.04 -4.54
CA LYS B 210 -45.73 6.62 -3.22
C LYS B 210 -46.83 5.88 -2.47
N GLY B 211 -46.50 5.42 -1.27
CA GLY B 211 -47.45 4.74 -0.41
C GLY B 211 -47.47 3.24 -0.50
N THR B 212 -46.79 2.62 -1.51
CA THR B 212 -46.75 1.15 -1.64
C THR B 212 -46.06 0.62 -0.38
N PRO B 213 -46.78 -0.14 0.46
CA PRO B 213 -46.15 -0.65 1.69
C PRO B 213 -45.01 -1.61 1.39
N ASP B 214 -43.96 -1.53 2.20
CA ASP B 214 -42.81 -2.42 2.06
C ASP B 214 -43.26 -3.85 2.43
N PRO B 215 -42.81 -4.91 1.73
CA PRO B 215 -43.28 -6.27 2.09
C PRO B 215 -42.88 -6.74 3.47
N GLU B 216 -41.75 -6.23 4.02
CA GLU B 216 -41.25 -6.60 5.35
C GLU B 216 -41.68 -5.64 6.46
N TYR B 217 -41.87 -4.33 6.16
CA TYR B 217 -42.29 -3.33 7.16
C TYR B 217 -43.55 -2.60 6.67
N PRO B 218 -44.69 -3.32 6.49
CA PRO B 218 -45.91 -2.67 5.98
C PRO B 218 -46.52 -1.60 6.89
N GLY B 219 -46.25 -1.67 8.18
CA GLY B 219 -46.78 -0.70 9.13
C GLY B 219 -45.93 0.54 9.34
N ASP B 220 -44.80 0.67 8.58
CA ASP B 220 -43.93 1.86 8.69
C ASP B 220 -43.95 2.70 7.41
N SER B 221 -44.56 3.88 7.49
CA SER B 221 -44.71 4.83 6.38
C SER B 221 -43.36 5.29 5.82
N ASP B 222 -42.32 5.34 6.69
CA ASP B 222 -40.96 5.73 6.29
C ASP B 222 -40.32 4.71 5.35
N GLN B 223 -40.81 3.45 5.37
CA GLN B 223 -40.30 2.34 4.54
C GLN B 223 -41.07 2.16 3.23
N SER B 224 -42.17 2.91 3.03
CA SER B 224 -43.03 2.77 1.84
C SER B 224 -42.40 3.35 0.56
N GLY B 225 -42.98 3.02 -0.58
CA GLY B 225 -42.58 3.51 -1.90
C GLY B 225 -42.58 5.03 -1.89
N VAL B 226 -41.73 5.63 -2.71
CA VAL B 226 -41.58 7.10 -2.71
C VAL B 226 -41.82 7.74 -4.09
N ARG B 227 -41.93 6.94 -5.17
CA ARG B 227 -42.07 7.46 -6.54
C ARG B 227 -43.35 8.28 -6.73
N LEU B 228 -43.27 9.33 -7.55
CA LEU B 228 -44.40 10.21 -7.82
C LEU B 228 -44.92 10.10 -9.25
N ASP B 229 -44.25 9.27 -10.07
CA ASP B 229 -44.63 9.05 -11.46
C ASP B 229 -45.51 7.80 -11.64
N SER B 230 -46.03 7.19 -10.54
CA SER B 230 -46.87 5.96 -10.57
C SER B 230 -46.18 4.72 -11.18
N ARG B 231 -44.86 4.77 -11.37
CA ARG B 231 -44.14 3.65 -11.98
C ARG B 231 -43.74 2.59 -10.96
N ASN B 232 -43.92 1.34 -11.33
CA ASN B 232 -43.46 0.20 -10.55
C ASN B 232 -42.28 -0.30 -11.37
N LEU B 233 -41.05 0.11 -10.98
CA LEU B 233 -39.82 -0.21 -11.70
C LEU B 233 -39.44 -1.70 -11.67
N VAL B 234 -39.85 -2.39 -10.60
CA VAL B 234 -39.60 -3.82 -10.50
C VAL B 234 -40.47 -4.59 -11.56
N GLU B 235 -41.76 -4.25 -11.65
CA GLU B 235 -42.63 -4.88 -12.65
C GLU B 235 -42.17 -4.59 -14.08
N GLU B 236 -41.65 -3.38 -14.34
CA GLU B 236 -41.10 -3.05 -15.67
C GLU B 236 -39.86 -3.85 -15.98
N TRP B 237 -38.93 -3.98 -15.00
CA TRP B 237 -37.70 -4.75 -15.20
C TRP B 237 -38.01 -6.24 -15.48
N LEU B 238 -38.96 -6.81 -14.71
CA LEU B 238 -39.37 -8.21 -14.87
C LEU B 238 -39.94 -8.49 -16.26
N ALA B 239 -40.67 -7.54 -16.86
CA ALA B 239 -41.29 -7.70 -18.17
C ALA B 239 -40.33 -7.55 -19.36
N LYS B 240 -39.07 -7.15 -19.12
CA LYS B 240 -38.09 -6.95 -20.20
C LYS B 240 -37.80 -8.22 -20.98
N TYR B 241 -37.75 -9.36 -20.26
CA TYR B 241 -37.40 -10.67 -20.84
C TYR B 241 -38.14 -11.74 -20.10
N GLN B 242 -38.17 -12.93 -20.72
CA GLN B 242 -38.68 -14.16 -20.12
C GLN B 242 -37.57 -14.65 -19.20
N GLY B 243 -37.92 -15.37 -18.12
CA GLY B 243 -36.94 -15.95 -17.20
C GLY B 243 -36.45 -15.03 -16.09
N THR B 244 -37.11 -13.87 -15.92
CA THR B 244 -36.76 -12.90 -14.85
C THR B 244 -37.44 -13.32 -13.53
N ARG B 245 -36.85 -12.94 -12.40
CA ARG B 245 -37.41 -13.26 -11.10
C ARG B 245 -37.05 -12.13 -10.14
N TYR B 246 -38.02 -11.72 -9.31
CA TYR B 246 -37.84 -10.71 -8.28
C TYR B 246 -37.97 -11.41 -6.93
N VAL B 247 -37.00 -11.18 -6.04
CA VAL B 247 -36.98 -11.77 -4.68
C VAL B 247 -36.73 -10.65 -3.66
N TRP B 248 -37.23 -10.81 -2.42
CA TRP B 248 -37.05 -9.81 -1.36
C TRP B 248 -36.61 -10.37 -0.01
N ASN B 249 -36.40 -11.69 0.07
CA ASN B 249 -35.90 -12.35 1.28
C ASN B 249 -35.03 -13.53 0.88
N ARG B 250 -34.32 -14.08 1.85
CA ARG B 250 -33.39 -15.19 1.68
C ARG B 250 -34.03 -16.48 1.17
N GLU B 251 -35.21 -16.84 1.71
CA GLU B 251 -35.92 -18.05 1.28
C GLU B 251 -36.22 -17.99 -0.21
N GLN B 252 -36.72 -16.84 -0.69
CA GLN B 252 -36.98 -16.64 -2.13
C GLN B 252 -35.69 -16.66 -2.96
N LEU B 253 -34.57 -16.08 -2.42
CA LEU B 253 -33.26 -16.07 -3.10
C LEU B 253 -32.70 -17.50 -3.33
N MET B 254 -32.75 -18.35 -2.29
CA MET B 254 -32.27 -19.74 -2.33
C MET B 254 -33.08 -20.58 -3.30
N GLN B 255 -34.42 -20.38 -3.33
CA GLN B 255 -35.30 -21.09 -4.27
C GLN B 255 -35.01 -20.63 -5.71
N ALA B 256 -34.89 -19.31 -5.96
CA ALA B 256 -34.57 -18.74 -7.28
C ALA B 256 -33.24 -19.31 -7.81
N SER B 257 -32.24 -19.44 -6.93
CA SER B 257 -30.90 -19.95 -7.22
C SER B 257 -30.90 -21.40 -7.73
N GLN B 258 -31.81 -22.24 -7.19
CA GLN B 258 -31.98 -23.65 -7.54
C GLN B 258 -32.93 -23.86 -8.74
N ASP B 259 -33.61 -22.79 -9.22
CA ASP B 259 -34.55 -22.87 -10.35
C ASP B 259 -33.87 -22.64 -11.70
N PRO B 260 -33.84 -23.70 -12.57
CA PRO B 260 -33.22 -23.57 -13.90
C PRO B 260 -33.92 -22.60 -14.88
N ALA B 261 -35.19 -22.31 -14.66
CA ALA B 261 -35.94 -21.37 -15.48
C ALA B 261 -35.57 -19.88 -15.18
N VAL B 262 -34.85 -19.61 -14.07
CA VAL B 262 -34.44 -18.25 -13.68
C VAL B 262 -33.13 -17.93 -14.38
N THR B 263 -33.14 -16.96 -15.29
CA THR B 263 -31.91 -16.56 -16.00
C THR B 263 -31.47 -15.14 -15.65
N ARG B 264 -32.37 -14.34 -15.07
CA ARG B 264 -32.14 -12.97 -14.62
C ARG B 264 -32.76 -12.80 -13.25
N LEU B 265 -32.03 -12.16 -12.35
CA LEU B 265 -32.50 -12.04 -10.99
C LEU B 265 -32.33 -10.65 -10.38
N MET B 266 -33.40 -10.15 -9.75
CA MET B 266 -33.37 -8.91 -8.98
C MET B 266 -33.78 -9.24 -7.55
N GLY B 267 -32.87 -8.98 -6.63
CA GLY B 267 -33.11 -9.19 -5.20
C GLY B 267 -32.89 -7.89 -4.45
N LEU B 268 -33.95 -7.35 -3.86
CA LEU B 268 -33.91 -6.10 -3.09
C LEU B 268 -34.38 -6.46 -1.69
N PHE B 269 -33.41 -6.57 -0.78
CA PHE B 269 -33.61 -7.11 0.57
C PHE B 269 -33.99 -6.14 1.69
N GLU B 270 -33.97 -4.83 1.44
CA GLU B 270 -34.34 -3.83 2.45
C GLU B 270 -34.88 -2.60 1.75
N PRO B 271 -35.70 -1.75 2.44
CA PRO B 271 -36.15 -0.48 1.82
C PRO B 271 -34.96 0.37 1.36
N THR B 272 -33.87 0.48 2.18
CA THR B 272 -32.66 1.22 1.79
C THR B 272 -31.43 0.31 1.90
N GLU B 273 -30.50 0.63 2.78
CA GLU B 273 -29.28 -0.17 2.99
C GLU B 273 -29.63 -1.49 3.64
N MET B 274 -28.86 -2.52 3.34
CA MET B 274 -29.06 -3.81 3.98
C MET B 274 -28.54 -3.70 5.42
N LYS B 275 -29.05 -4.53 6.33
CA LYS B 275 -28.64 -4.50 7.73
C LYS B 275 -27.16 -4.87 7.87
N TYR B 276 -26.49 -4.40 8.94
CA TYR B 276 -25.11 -4.82 9.24
C TYR B 276 -25.18 -6.33 9.46
N ASP B 277 -24.22 -7.08 8.92
CA ASP B 277 -24.22 -8.54 8.99
C ASP B 277 -24.46 -9.07 10.42
N VAL B 278 -23.94 -8.35 11.40
CA VAL B 278 -24.03 -8.63 12.83
C VAL B 278 -25.48 -8.54 13.37
N ASN B 279 -26.34 -7.72 12.71
CA ASN B 279 -27.74 -7.52 13.11
C ASN B 279 -28.73 -8.21 12.19
N ARG B 280 -28.27 -8.97 11.19
CA ARG B 280 -29.18 -9.59 10.27
C ARG B 280 -29.89 -10.82 10.83
N ASN B 281 -31.13 -11.01 10.37
CA ASN B 281 -31.98 -12.16 10.67
C ASN B 281 -31.50 -13.23 9.69
N ALA B 282 -30.77 -14.24 10.18
CA ALA B 282 -30.18 -15.31 9.37
C ALA B 282 -31.17 -16.10 8.47
N SER B 283 -32.47 -16.07 8.78
CA SER B 283 -33.48 -16.77 7.99
C SER B 283 -34.11 -15.87 6.91
N ALA B 284 -34.19 -14.55 7.16
CA ALA B 284 -34.81 -13.58 6.27
C ALA B 284 -33.84 -12.81 5.38
N ASP B 285 -32.62 -12.55 5.86
CA ASP B 285 -31.61 -11.73 5.19
C ASP B 285 -30.38 -12.50 4.71
N PRO B 286 -30.04 -12.44 3.39
CA PRO B 286 -28.84 -13.15 2.91
C PRO B 286 -27.56 -12.36 3.24
N SER B 287 -26.47 -13.09 3.51
CA SER B 287 -25.19 -12.43 3.76
C SER B 287 -24.59 -12.00 2.38
N LEU B 288 -23.52 -11.18 2.41
CA LEU B 288 -22.83 -10.77 1.18
C LEU B 288 -22.20 -11.98 0.46
N ALA B 289 -21.65 -12.94 1.22
CA ALA B 289 -21.06 -14.19 0.67
C ALA B 289 -22.12 -15.04 -0.05
N GLU B 290 -23.35 -15.11 0.49
CA GLU B 290 -24.49 -15.85 -0.09
C GLU B 290 -24.93 -15.21 -1.40
N MET B 291 -25.09 -13.85 -1.43
CA MET B 291 -25.46 -13.11 -2.63
C MET B 291 -24.38 -13.28 -3.73
N THR B 292 -23.08 -13.29 -3.35
CA THR B 292 -21.95 -13.46 -4.26
C THR B 292 -21.99 -14.84 -4.92
N GLU B 293 -22.23 -15.91 -4.12
CA GLU B 293 -22.35 -17.28 -4.62
C GLU B 293 -23.52 -17.40 -5.61
N VAL B 294 -24.69 -16.81 -5.29
CA VAL B 294 -25.87 -16.84 -6.17
C VAL B 294 -25.54 -16.12 -7.48
N ALA B 295 -24.94 -14.92 -7.41
CA ALA B 295 -24.57 -14.15 -8.61
C ALA B 295 -23.58 -14.93 -9.47
N VAL B 296 -22.49 -15.47 -8.90
CA VAL B 296 -21.50 -16.26 -9.64
C VAL B 296 -22.16 -17.48 -10.33
N ARG B 297 -22.99 -18.25 -9.60
CA ARG B 297 -23.65 -19.43 -10.17
C ARG B 297 -24.53 -19.09 -11.37
N LEU B 298 -25.27 -17.98 -11.29
CA LEU B 298 -26.13 -17.52 -12.38
C LEU B 298 -25.32 -16.94 -13.55
N LEU B 299 -24.26 -16.15 -13.25
CA LEU B 299 -23.46 -15.49 -14.28
C LEU B 299 -22.55 -16.45 -15.07
N SER B 300 -22.06 -17.50 -14.42
CA SER B 300 -21.11 -18.45 -15.02
C SER B 300 -21.67 -19.36 -16.13
N ARG B 301 -23.00 -19.38 -16.30
CA ARG B 301 -23.68 -20.17 -17.34
C ARG B 301 -23.39 -19.64 -18.75
N ASN B 302 -23.12 -18.32 -18.88
CA ASN B 302 -22.84 -17.72 -20.19
C ASN B 302 -21.46 -18.20 -20.71
N PRO B 303 -21.38 -18.85 -21.89
CA PRO B 303 -20.06 -19.29 -22.41
C PRO B 303 -19.12 -18.13 -22.78
N GLN B 304 -19.67 -16.93 -23.04
CA GLN B 304 -18.88 -15.71 -23.33
C GLN B 304 -18.21 -15.14 -22.07
N GLY B 305 -18.66 -15.55 -20.89
CA GLY B 305 -18.08 -15.03 -19.66
C GLY B 305 -18.96 -14.00 -18.99
N PHE B 306 -18.46 -13.39 -17.93
CA PHE B 306 -19.23 -12.42 -17.16
C PHE B 306 -18.39 -11.36 -16.53
N TYR B 307 -19.06 -10.25 -16.16
CA TYR B 307 -18.49 -9.15 -15.42
C TYR B 307 -19.32 -9.07 -14.13
N LEU B 308 -18.66 -9.08 -12.97
CA LEU B 308 -19.37 -8.97 -11.69
C LEU B 308 -18.75 -7.89 -10.80
N PHE B 309 -19.58 -6.98 -10.29
CA PHE B 309 -19.18 -5.95 -9.36
C PHE B 309 -19.76 -6.31 -7.97
N VAL B 310 -18.89 -6.41 -6.95
CA VAL B 310 -19.30 -6.76 -5.58
C VAL B 310 -18.85 -5.65 -4.63
N GLU B 311 -19.79 -5.03 -3.93
CA GLU B 311 -19.44 -3.97 -3.00
C GLU B 311 -19.73 -4.34 -1.53
N GLY B 312 -18.71 -4.24 -0.70
CA GLY B 312 -18.79 -4.33 0.76
C GLY B 312 -19.00 -2.89 1.16
N GLY B 313 -20.21 -2.38 0.87
CA GLY B 313 -20.59 -0.99 1.00
C GLY B 313 -20.86 -0.32 2.32
N ARG B 314 -20.82 -1.04 3.44
CA ARG B 314 -21.14 -0.41 4.74
C ARG B 314 -19.94 -0.34 5.70
N ILE B 315 -18.73 -0.67 5.18
CA ILE B 315 -17.49 -0.65 5.95
C ILE B 315 -17.17 0.76 6.50
N ASP B 316 -17.27 1.81 5.66
CA ASP B 316 -17.02 3.18 6.11
C ASP B 316 -18.19 3.72 6.94
N GLN B 317 -19.45 3.37 6.59
CA GLN B 317 -20.68 3.78 7.29
C GLN B 317 -20.68 3.42 8.79
N GLY B 318 -20.15 2.23 9.09
CA GLY B 318 -20.01 1.75 10.47
C GLY B 318 -18.88 2.48 11.18
N HIS B 319 -17.82 2.84 10.42
CA HIS B 319 -16.63 3.55 10.91
C HIS B 319 -16.95 5.00 11.25
N THR B 323 -19.68 2.72 15.77
CA THR B 323 -18.49 2.12 16.36
C THR B 323 -17.69 1.26 15.36
N ALA B 324 -16.37 1.13 15.60
CA ALA B 324 -15.44 0.35 14.76
C ALA B 324 -15.83 -1.11 14.57
N TYR B 325 -16.50 -1.73 15.58
CA TYR B 325 -16.95 -3.13 15.52
C TYR B 325 -17.87 -3.43 14.34
N LEU B 326 -18.80 -2.52 14.02
CA LEU B 326 -19.71 -2.67 12.86
C LEU B 326 -18.90 -2.65 11.56
N ALA B 327 -18.03 -1.62 11.41
CA ALA B 327 -17.14 -1.44 10.25
C ALA B 327 -16.28 -2.68 10.00
N LEU B 328 -15.60 -3.18 11.06
CA LEU B 328 -14.71 -4.33 10.98
C LEU B 328 -15.40 -5.66 10.70
N THR B 329 -16.60 -5.90 11.28
CA THR B 329 -17.38 -7.12 11.00
C THR B 329 -17.88 -7.13 9.55
N GLU B 330 -18.20 -5.96 8.98
CA GLU B 330 -18.60 -5.81 7.56
C GLU B 330 -17.41 -6.18 6.65
N ALA B 331 -16.19 -5.73 7.03
CA ALA B 331 -14.94 -5.98 6.31
C ALA B 331 -14.54 -7.46 6.35
N VAL B 332 -14.83 -8.15 7.47
CA VAL B 332 -14.61 -9.61 7.67
C VAL B 332 -15.55 -10.38 6.74
N MET B 333 -16.84 -9.98 6.67
CA MET B 333 -17.84 -10.62 5.76
C MET B 333 -17.43 -10.38 4.29
N PHE B 334 -16.87 -9.18 4.00
CA PHE B 334 -16.41 -8.81 2.66
C PHE B 334 -15.25 -9.76 2.23
N ASP B 335 -14.33 -10.05 3.17
CA ASP B 335 -13.21 -10.98 2.96
C ASP B 335 -13.71 -12.41 2.70
N SER B 336 -14.78 -12.83 3.39
CA SER B 336 -15.36 -14.16 3.15
C SER B 336 -16.09 -14.22 1.80
N ALA B 337 -16.62 -13.07 1.29
CA ALA B 337 -17.23 -13.06 -0.05
C ALA B 337 -16.15 -13.27 -1.16
N ILE B 338 -14.92 -12.77 -0.92
CA ILE B 338 -13.74 -12.90 -1.81
C ILE B 338 -13.31 -14.38 -1.82
N GLU B 339 -13.23 -15.01 -0.63
CA GLU B 339 -12.88 -16.42 -0.52
C GLU B 339 -13.92 -17.27 -1.25
N LYS B 340 -15.22 -16.97 -1.05
CA LYS B 340 -16.29 -17.70 -1.73
C LYS B 340 -16.16 -17.65 -3.27
N ALA B 341 -15.93 -16.43 -3.85
CA ALA B 341 -15.73 -16.24 -5.29
C ALA B 341 -14.48 -16.99 -5.79
N SER B 342 -13.37 -17.03 -4.97
CA SER B 342 -12.13 -17.78 -5.29
C SER B 342 -12.37 -19.29 -5.45
N GLN B 343 -13.35 -19.83 -4.72
CA GLN B 343 -13.73 -21.25 -4.72
C GLN B 343 -14.57 -21.58 -5.95
N LEU B 344 -15.38 -20.62 -6.42
CA LEU B 344 -16.28 -20.85 -7.54
C LEU B 344 -15.71 -20.49 -8.91
N THR B 345 -14.50 -19.91 -8.94
CA THR B 345 -13.88 -19.50 -10.19
C THR B 345 -12.46 -19.98 -10.30
N ASN B 346 -11.97 -20.08 -11.54
CA ASN B 346 -10.61 -20.52 -11.83
C ASN B 346 -9.76 -19.30 -12.19
N GLU B 347 -8.59 -19.12 -11.53
CA GLU B 347 -7.68 -18.01 -11.83
C GLU B 347 -7.08 -18.07 -13.27
N LYS B 348 -7.16 -19.23 -13.95
CA LYS B 348 -6.67 -19.34 -15.32
C LYS B 348 -7.56 -18.58 -16.31
N ASP B 349 -8.85 -18.32 -15.96
CA ASP B 349 -9.71 -17.57 -16.88
C ASP B 349 -10.46 -16.38 -16.26
N THR B 350 -10.19 -16.09 -14.97
CA THR B 350 -10.88 -15.04 -14.22
C THR B 350 -9.89 -14.04 -13.62
N LEU B 351 -10.06 -12.77 -13.98
CA LEU B 351 -9.29 -11.68 -13.41
C LEU B 351 -10.13 -11.13 -12.25
N THR B 352 -9.58 -11.19 -11.03
CA THR B 352 -10.25 -10.68 -9.83
C THR B 352 -9.42 -9.53 -9.31
N LEU B 353 -10.07 -8.39 -9.07
CA LEU B 353 -9.44 -7.21 -8.49
C LEU B 353 -10.16 -6.85 -7.18
N ILE B 354 -9.38 -6.48 -6.17
CA ILE B 354 -9.88 -6.02 -4.88
C ILE B 354 -9.33 -4.63 -4.68
N THR B 355 -10.19 -3.67 -4.37
CA THR B 355 -9.75 -2.31 -4.08
C THR B 355 -10.71 -1.61 -3.13
N ALA B 356 -10.43 -0.34 -2.84
CA ALA B 356 -11.27 0.54 -2.04
C ALA B 356 -11.52 1.74 -2.92
N ASP B 357 -12.64 2.44 -2.71
CA ASP B 357 -12.92 3.64 -3.52
C ASP B 357 -12.10 4.82 -3.02
N HIS B 358 -11.98 4.95 -1.68
CA HIS B 358 -11.18 5.97 -0.99
C HIS B 358 -10.82 5.45 0.40
N SER B 359 -9.86 6.11 1.06
CA SER B 359 -9.47 5.76 2.43
C SER B 359 -10.56 6.29 3.43
N HIS B 360 -10.55 5.76 4.65
CA HIS B 360 -11.47 6.23 5.69
C HIS B 360 -11.09 7.66 6.11
N VAL B 361 -12.03 8.60 6.01
CA VAL B 361 -11.82 10.01 6.35
C VAL B 361 -12.44 10.36 7.71
N THR B 368 0.44 -0.86 21.36
CA THR B 368 -0.38 -1.79 22.15
C THR B 368 0.14 -3.22 22.07
N LEU B 369 0.00 -3.98 23.19
CA LEU B 369 0.48 -5.37 23.33
C LEU B 369 -0.14 -6.35 22.35
N ARG B 370 0.65 -7.35 21.94
CA ARG B 370 0.24 -8.40 21.02
C ARG B 370 -0.43 -9.55 21.78
N HIS B 432 -7.79 15.47 7.25
CA HIS B 432 -7.27 14.27 6.59
C HIS B 432 -8.11 13.79 5.38
N GLY B 433 -7.83 12.56 4.92
CA GLY B 433 -8.44 11.89 3.78
C GLY B 433 -7.59 12.03 2.53
N GLY B 434 -8.00 11.35 1.45
CA GLY B 434 -7.30 11.40 0.16
C GLY B 434 -6.06 10.54 0.04
N GLU B 435 -5.75 9.70 1.05
CA GLU B 435 -4.59 8.78 1.06
C GLU B 435 -4.76 7.74 -0.04
N ASP B 436 -3.63 7.26 -0.59
CA ASP B 436 -3.66 6.19 -1.58
C ASP B 436 -4.21 4.89 -0.94
N VAL B 437 -4.85 4.04 -1.76
CA VAL B 437 -5.40 2.76 -1.31
C VAL B 437 -4.70 1.61 -2.04
N ALA B 438 -4.83 0.41 -1.51
CA ALA B 438 -4.25 -0.76 -2.14
C ALA B 438 -5.17 -1.33 -3.21
N ILE B 439 -4.56 -1.92 -4.25
CA ILE B 439 -5.26 -2.67 -5.29
C ILE B 439 -4.63 -4.08 -5.19
N PHE B 440 -5.45 -5.14 -5.17
CA PHE B 440 -4.99 -6.53 -5.16
C PHE B 440 -5.53 -7.18 -6.41
N ALA B 441 -4.71 -8.01 -7.07
CA ALA B 441 -5.14 -8.66 -8.29
C ALA B 441 -4.63 -10.10 -8.41
N ARG B 442 -5.41 -10.93 -9.09
CA ARG B 442 -5.11 -12.34 -9.37
C ARG B 442 -5.77 -12.68 -10.72
N GLY B 443 -5.10 -13.52 -11.52
CA GLY B 443 -5.65 -13.99 -12.79
C GLY B 443 -4.98 -13.47 -14.04
N PRO B 444 -5.60 -13.65 -15.24
CA PRO B 444 -4.97 -13.18 -16.50
C PRO B 444 -4.75 -11.67 -16.51
N GLN B 445 -3.52 -11.24 -16.83
CA GLN B 445 -3.12 -9.83 -16.89
C GLN B 445 -3.06 -9.15 -15.51
N ALA B 446 -3.15 -9.92 -14.41
CA ALA B 446 -3.09 -9.34 -13.06
C ALA B 446 -1.70 -8.77 -12.79
N HIS B 447 -0.65 -9.26 -13.51
CA HIS B 447 0.73 -8.75 -13.38
C HIS B 447 0.86 -7.32 -13.91
N LEU B 448 -0.16 -6.82 -14.66
CA LEU B 448 -0.16 -5.43 -15.11
C LEU B 448 -0.56 -4.51 -13.95
N VAL B 449 -1.07 -5.07 -12.83
CA VAL B 449 -1.41 -4.34 -11.61
C VAL B 449 -0.11 -4.28 -10.78
N HIS B 450 0.60 -3.14 -10.86
CA HIS B 450 1.88 -2.94 -10.19
C HIS B 450 2.11 -1.45 -9.91
N GLY B 451 3.04 -1.16 -9.02
CA GLY B 451 3.50 0.19 -8.69
C GLY B 451 2.46 1.11 -8.11
N VAL B 452 2.50 2.38 -8.52
CA VAL B 452 1.62 3.46 -8.08
C VAL B 452 0.84 3.85 -9.32
N GLN B 453 -0.48 3.71 -9.28
CA GLN B 453 -1.33 3.99 -10.44
C GLN B 453 -2.42 4.99 -10.10
N GLU B 454 -2.96 5.64 -11.14
CA GLU B 454 -4.12 6.52 -11.02
C GLU B 454 -5.31 5.55 -10.87
N GLN B 455 -6.34 5.91 -10.09
CA GLN B 455 -7.51 5.03 -9.87
C GLN B 455 -8.23 4.58 -11.14
N ASN B 456 -8.30 5.43 -12.18
CA ASN B 456 -8.95 5.07 -13.44
C ASN B 456 -8.26 3.91 -14.20
N TYR B 457 -7.02 3.55 -13.79
CA TYR B 457 -6.26 2.45 -14.38
C TYR B 457 -6.96 1.11 -14.19
N ILE B 458 -7.68 0.95 -13.06
CA ILE B 458 -8.44 -0.27 -12.69
C ILE B 458 -9.41 -0.67 -13.84
N ALA B 459 -10.19 0.30 -14.33
CA ALA B 459 -11.15 0.06 -15.40
C ALA B 459 -10.46 -0.33 -16.71
N HIS B 460 -9.31 0.30 -17.02
CA HIS B 460 -8.56 -0.01 -18.25
C HIS B 460 -7.88 -1.38 -18.23
N VAL B 461 -7.35 -1.82 -17.08
CA VAL B 461 -6.75 -3.16 -16.91
C VAL B 461 -7.82 -4.21 -17.15
N MET B 462 -9.00 -3.99 -16.58
CA MET B 462 -10.13 -4.89 -16.72
C MET B 462 -10.66 -4.95 -18.16
N ALA B 463 -10.77 -3.80 -18.84
CA ALA B 463 -11.20 -3.71 -20.26
C ALA B 463 -10.13 -4.40 -21.19
N PHE B 464 -8.84 -4.16 -20.90
CA PHE B 464 -7.73 -4.76 -21.63
C PHE B 464 -7.73 -6.28 -21.45
N ALA B 465 -7.77 -6.77 -20.19
CA ALA B 465 -7.77 -8.21 -19.91
C ALA B 465 -8.97 -8.93 -20.54
N GLY B 466 -10.14 -8.29 -20.56
CA GLY B 466 -11.34 -8.88 -21.17
C GLY B 466 -11.46 -8.70 -22.67
N CYS B 467 -10.50 -7.98 -23.31
CA CYS B 467 -10.49 -7.61 -24.75
C CYS B 467 -11.79 -6.86 -25.10
N LEU B 468 -12.20 -5.94 -24.22
CA LEU B 468 -13.39 -5.12 -24.38
C LEU B 468 -12.93 -3.78 -24.96
N GLU B 469 -13.86 -3.03 -25.59
CA GLU B 469 -13.57 -1.67 -26.10
C GLU B 469 -12.94 -0.83 -24.96
N PRO B 470 -11.94 0.05 -25.26
CA PRO B 470 -11.32 0.34 -26.55
C PRO B 470 -10.12 -0.56 -26.92
N TYR B 471 -10.04 -1.78 -26.32
CA TYR B 471 -8.96 -2.76 -26.52
C TYR B 471 -9.40 -4.08 -27.17
N THR B 472 -10.32 -4.04 -28.15
CA THR B 472 -10.76 -5.23 -28.91
C THR B 472 -9.53 -5.85 -29.63
N ASP B 473 -8.59 -5.00 -30.05
CA ASP B 473 -7.33 -5.40 -30.69
C ASP B 473 -6.22 -5.66 -29.61
N CYS B 474 -6.61 -6.19 -28.39
CA CYS B 474 -5.73 -6.52 -27.23
C CYS B 474 -4.50 -7.35 -27.68
N GLY B 475 -4.68 -8.22 -28.67
CA GLY B 475 -3.64 -9.11 -29.18
C GLY B 475 -3.31 -10.27 -28.24
N LEU B 476 -4.22 -10.55 -27.28
CA LEU B 476 -4.03 -11.62 -26.28
C LEU B 476 -4.59 -12.96 -26.75
N ALA B 477 -3.91 -14.06 -26.36
CA ALA B 477 -4.38 -15.41 -26.66
C ALA B 477 -5.60 -15.70 -25.77
N PRO B 478 -6.62 -16.47 -26.22
CA PRO B 478 -7.78 -16.73 -25.34
C PRO B 478 -7.40 -17.69 -24.20
N PRO B 479 -8.11 -17.68 -23.03
CA PRO B 479 -7.71 -18.55 -21.92
C PRO B 479 -7.85 -20.05 -22.17
MG MG C . 14.92 5.94 12.42
MG MG D . 27.15 20.63 11.12
C1 GOL E . 28.31 0.74 -9.63
O1 GOL E . 29.69 0.36 -9.47
C2 GOL E . 27.83 -0.16 -10.80
O2 GOL E . 27.92 -1.59 -10.52
C3 GOL E . 26.58 0.34 -11.54
O3 GOL E . 25.38 0.11 -10.84
MG MG F . -20.19 2.70 -1.93
MG MG G . -34.63 -7.87 4.71
C1 GOL H . -14.74 -19.71 -14.00
O1 GOL H . -13.39 -20.13 -13.95
C2 GOL H . -15.49 -20.46 -15.10
O2 GOL H . -15.16 -19.88 -16.39
C3 GOL H . -16.97 -20.29 -14.75
O3 GOL H . -17.80 -20.45 -15.94
#